data_2D2P
#
_entry.id   2D2P
#
_entity_poly.entity_id   1
_entity_poly.type   'polypeptide(L)'
_entity_poly.pdbx_seq_one_letter_code
;HSDGIFTDSYSRYRKQMAVKKYLAAVLGKRYKQRVKNK(NH2)
;
_entity_poly.pdbx_strand_id   A
#
# COMPACT_ATOMS: atom_id res chain seq x y z
N HIS A 1 1.56 15.16 -22.74
CA HIS A 1 2.62 14.41 -23.46
C HIS A 1 4.00 14.67 -22.83
N SER A 2 4.90 13.69 -22.88
CA SER A 2 6.32 13.81 -22.47
C SER A 2 7.19 12.75 -23.16
N ASP A 3 8.51 12.91 -23.09
CA ASP A 3 9.53 12.08 -23.77
C ASP A 3 9.53 10.58 -23.40
N GLY A 4 8.96 10.21 -22.25
CA GLY A 4 8.99 8.88 -21.68
C GLY A 4 8.05 8.89 -20.49
N ILE A 5 6.76 9.10 -20.75
CA ILE A 5 5.61 9.19 -19.81
C ILE A 5 5.62 8.12 -18.72
N PHE A 6 6.21 6.97 -19.04
CA PHE A 6 6.52 5.87 -18.14
C PHE A 6 7.32 6.31 -16.90
N THR A 7 8.05 7.44 -16.99
CA THR A 7 8.78 8.07 -15.87
C THR A 7 7.86 8.61 -14.77
N ASP A 8 6.58 8.82 -15.09
CA ASP A 8 5.55 9.35 -14.20
C ASP A 8 4.40 8.38 -13.95
N SER A 9 4.08 7.53 -14.92
CA SER A 9 3.14 6.41 -14.70
C SER A 9 3.63 5.45 -13.60
N TYR A 10 4.96 5.39 -13.40
CA TYR A 10 5.58 4.70 -12.26
C TYR A 10 5.22 5.34 -10.92
N SER A 11 5.24 6.68 -10.87
CA SER A 11 4.76 7.46 -9.72
C SER A 11 3.26 7.27 -9.46
N ARG A 12 2.43 7.24 -10.52
CA ARG A 12 0.97 6.99 -10.43
C ARG A 12 0.63 5.66 -9.76
N TYR A 13 1.40 4.61 -10.02
CA TYR A 13 1.27 3.33 -9.32
C TYR A 13 1.87 3.35 -7.91
N ARG A 14 2.99 4.03 -7.66
CA ARG A 14 3.54 4.20 -6.30
C ARG A 14 2.59 4.94 -5.33
N LYS A 15 1.68 5.79 -5.83
CA LYS A 15 0.58 6.38 -5.05
C LYS A 15 -0.45 5.33 -4.61
N GLN A 16 -0.77 4.38 -5.49
CA GLN A 16 -1.63 3.24 -5.18
C GLN A 16 -1.00 2.31 -4.13
N MET A 17 0.32 2.09 -4.20
CA MET A 17 1.07 1.28 -3.23
C MET A 17 1.01 1.86 -1.82
N ALA A 18 1.21 3.18 -1.71
CA ALA A 18 1.09 3.94 -0.47
C ALA A 18 -0.30 3.81 0.18
N VAL A 19 -1.36 3.68 -0.64
CA VAL A 19 -2.73 3.39 -0.19
C VAL A 19 -2.87 1.93 0.28
N LYS A 20 -2.34 0.93 -0.46
CA LYS A 20 -2.43 -0.50 -0.07
C LYS A 20 -1.82 -0.75 1.30
N LYS A 21 -0.71 -0.06 1.53
CA LYS A 21 0.04 -0.05 2.80
C LYS A 21 -0.76 0.50 3.98
N TYR A 22 -1.66 1.48 3.76
CA TYR A 22 -2.60 1.95 4.78
C TYR A 22 -3.74 0.96 5.03
N LEU A 23 -4.35 0.35 4.01
CA LEU A 23 -5.30 -0.75 4.21
C LEU A 23 -4.69 -1.90 5.02
N ALA A 24 -3.46 -2.28 4.70
CA ALA A 24 -2.68 -3.27 5.44
C ALA A 24 -2.38 -2.83 6.89
N ALA A 25 -2.18 -1.54 7.14
CA ALA A 25 -1.99 -1.00 8.49
C ALA A 25 -3.24 -1.17 9.40
N VAL A 26 -4.46 -1.06 8.85
CA VAL A 26 -5.70 -1.26 9.65
C VAL A 26 -5.94 -2.75 9.90
N LEU A 27 -5.64 -3.59 8.90
CA LEU A 27 -5.62 -5.05 9.05
C LEU A 27 -4.61 -5.50 10.11
N GLY A 28 -3.48 -4.78 10.23
CA GLY A 28 -2.47 -4.98 11.27
C GLY A 28 -2.95 -4.71 12.69
N LYS A 29 -3.93 -3.83 12.91
CA LYS A 29 -4.58 -3.65 14.24
C LYS A 29 -5.44 -4.87 14.61
N ARG A 30 -6.09 -5.47 13.61
CA ARG A 30 -6.99 -6.64 13.78
C ARG A 30 -6.26 -7.98 13.79
N TYR A 31 -5.08 -8.07 13.18
CA TYR A 31 -4.20 -9.23 13.25
C TYR A 31 -3.84 -9.60 14.70
N LYS A 32 -3.67 -8.59 15.57
CA LYS A 32 -3.37 -8.78 17.01
C LYS A 32 -4.47 -9.52 17.73
N GLN A 33 -5.66 -9.02 17.47
CA GLN A 33 -6.95 -9.51 17.98
C GLN A 33 -7.24 -10.95 17.55
N ARG A 34 -7.12 -11.23 16.24
CA ARG A 34 -7.29 -12.57 15.64
C ARG A 34 -6.25 -13.60 16.11
N VAL A 35 -5.18 -13.16 16.77
CA VAL A 35 -4.12 -14.03 17.32
C VAL A 35 -4.30 -14.24 18.83
N LYS A 36 -4.52 -13.18 19.63
CA LYS A 36 -4.78 -13.32 21.08
C LYS A 36 -6.09 -14.06 21.42
N ASN A 37 -7.03 -14.08 20.48
CA ASN A 37 -8.27 -14.86 20.52
C ASN A 37 -8.08 -16.38 20.21
N LYS A 38 -6.89 -16.78 19.76
CA LYS A 38 -6.60 -18.13 19.22
C LYS A 38 -5.39 -18.82 19.86
N HIS A 1 3.97 7.17 -26.38
CA HIS A 1 5.38 6.76 -26.23
C HIS A 1 5.70 6.39 -24.78
N SER A 2 6.89 5.81 -24.55
CA SER A 2 7.29 5.21 -23.25
C SER A 2 8.70 5.64 -22.78
N ASP A 3 9.28 6.68 -23.40
CA ASP A 3 10.62 7.21 -23.08
C ASP A 3 10.75 7.79 -21.66
N GLY A 4 9.64 8.32 -21.13
CA GLY A 4 9.57 9.01 -19.83
C GLY A 4 8.19 9.01 -19.18
N ILE A 5 7.13 9.13 -19.99
CA ILE A 5 5.72 8.98 -19.59
C ILE A 5 5.47 7.67 -18.83
N PHE A 6 6.18 6.62 -19.20
CA PHE A 6 6.10 5.29 -18.56
C PHE A 6 6.65 5.32 -17.12
N THR A 7 7.62 6.20 -16.88
CA THR A 7 8.25 6.42 -15.56
C THR A 7 7.41 7.32 -14.67
N ASP A 8 6.76 8.30 -15.26
CA ASP A 8 5.75 9.10 -14.56
C ASP A 8 4.51 8.28 -14.19
N SER A 9 4.12 7.36 -15.08
CA SER A 9 3.05 6.39 -14.80
C SER A 9 3.40 5.41 -13.67
N TYR A 10 4.70 5.17 -13.44
CA TYR A 10 5.17 4.41 -12.27
C TYR A 10 5.09 5.25 -10.99
N SER A 11 5.43 6.54 -11.05
CA SER A 11 5.20 7.49 -9.95
C SER A 11 3.70 7.67 -9.61
N ARG A 12 2.79 7.52 -10.58
CA ARG A 12 1.34 7.44 -10.36
C ARG A 12 0.94 6.12 -9.67
N TYR A 13 1.59 5.01 -10.03
CA TYR A 13 1.37 3.71 -9.38
C TYR A 13 1.86 3.69 -7.91
N ARG A 14 2.95 4.38 -7.58
CA ARG A 14 3.43 4.57 -6.20
C ARG A 14 2.37 5.16 -5.25
N LYS A 15 1.41 5.95 -5.76
CA LYS A 15 0.28 6.48 -4.97
C LYS A 15 -0.69 5.36 -4.55
N GLN A 16 -0.94 4.40 -5.44
CA GLN A 16 -1.74 3.20 -5.14
C GLN A 16 -1.02 2.29 -4.14
N MET A 17 0.31 2.15 -4.24
CA MET A 17 1.11 1.36 -3.31
C MET A 17 1.02 1.89 -1.87
N ALA A 18 1.11 3.20 -1.72
CA ALA A 18 0.95 3.91 -0.44
C ALA A 18 -0.44 3.68 0.20
N VAL A 19 -1.49 3.53 -0.62
CA VAL A 19 -2.83 3.16 -0.18
C VAL A 19 -2.89 1.70 0.28
N LYS A 20 -2.29 0.74 -0.44
CA LYS A 20 -2.30 -0.70 -0.04
C LYS A 20 -1.70 -0.90 1.34
N LYS A 21 -0.63 -0.14 1.59
CA LYS A 21 0.09 -0.08 2.87
C LYS A 21 -0.76 0.49 4.01
N TYR A 22 -1.67 1.43 3.73
CA TYR A 22 -2.66 1.91 4.69
C TYR A 22 -3.77 0.88 4.97
N LEU A 23 -4.32 0.19 3.96
CA LEU A 23 -5.22 -0.94 4.19
C LEU A 23 -4.57 -2.01 5.08
N ALA A 24 -3.33 -2.38 4.79
CA ALA A 24 -2.55 -3.31 5.59
C ALA A 24 -2.34 -2.84 7.05
N ALA A 25 -2.19 -1.53 7.27
CA ALA A 25 -2.07 -0.94 8.60
C ALA A 25 -3.33 -1.10 9.47
N VAL A 26 -4.53 -1.09 8.87
CA VAL A 26 -5.79 -1.30 9.63
C VAL A 26 -6.00 -2.77 9.96
N LEU A 27 -5.67 -3.66 9.01
CA LEU A 27 -5.69 -5.10 9.20
C LEU A 27 -4.70 -5.55 10.30
N GLY A 28 -3.56 -4.86 10.37
CA GLY A 28 -2.58 -4.99 11.47
C GLY A 28 -3.17 -4.78 12.86
N LYS A 29 -4.18 -3.90 13.02
CA LYS A 29 -4.86 -3.68 14.31
C LYS A 29 -5.69 -4.90 14.76
N ARG A 30 -6.20 -5.68 13.79
CA ARG A 30 -6.94 -6.93 14.02
C ARG A 30 -6.03 -8.15 14.17
N TYR A 31 -4.97 -8.22 13.37
CA TYR A 31 -4.01 -9.33 13.38
C TYR A 31 -3.39 -9.58 14.76
N LYS A 32 -3.17 -8.51 15.54
CA LYS A 32 -2.62 -8.61 16.91
C LYS A 32 -3.57 -9.28 17.89
N GLN A 33 -4.83 -8.87 17.80
CA GLN A 33 -5.95 -9.41 18.57
C GLN A 33 -6.22 -10.89 18.25
N ARG A 34 -6.26 -11.24 16.96
CA ARG A 34 -6.41 -12.62 16.46
C ARG A 34 -5.25 -13.55 16.87
N VAL A 35 -4.12 -12.99 17.27
CA VAL A 35 -2.93 -13.73 17.76
C VAL A 35 -2.94 -13.87 19.29
N LYS A 36 -3.44 -12.87 20.04
CA LYS A 36 -3.66 -12.98 21.49
C LYS A 36 -4.85 -13.87 21.87
N ASN A 37 -5.92 -13.80 21.10
CA ASN A 37 -7.14 -14.58 21.30
C ASN A 37 -7.02 -16.03 20.80
N LYS A 38 -6.26 -16.22 19.70
CA LYS A 38 -5.86 -17.48 19.05
C LYS A 38 -6.86 -18.65 19.09
N HIS A 1 7.51 6.12 -23.44
CA HIS A 1 8.95 5.81 -23.59
C HIS A 1 9.72 6.08 -22.30
N SER A 2 10.82 5.36 -22.10
CA SER A 2 11.74 5.47 -20.94
C SER A 2 12.55 6.79 -20.86
N ASP A 3 12.35 7.71 -21.81
CA ASP A 3 12.96 9.05 -21.86
C ASP A 3 12.69 9.89 -20.61
N GLY A 4 11.53 9.73 -19.99
CA GLY A 4 11.18 10.37 -18.71
C GLY A 4 9.75 10.19 -18.23
N ILE A 5 8.78 10.24 -19.15
CA ILE A 5 7.35 10.04 -18.92
C ILE A 5 7.04 8.74 -18.17
N PHE A 6 7.86 7.72 -18.43
CA PHE A 6 7.81 6.42 -17.74
C PHE A 6 7.86 6.57 -16.22
N THR A 7 8.64 7.56 -15.75
CA THR A 7 8.87 7.79 -14.32
C THR A 7 7.70 8.47 -13.61
N ASP A 8 6.82 9.12 -14.36
CA ASP A 8 5.56 9.64 -13.83
C ASP A 8 4.48 8.58 -13.74
N SER A 9 4.37 7.73 -14.76
CA SER A 9 3.47 6.58 -14.71
C SER A 9 3.85 5.60 -13.60
N TYR A 10 5.17 5.44 -13.36
CA TYR A 10 5.71 4.71 -12.21
C TYR A 10 5.29 5.35 -10.88
N SER A 11 5.44 6.67 -10.76
CA SER A 11 5.02 7.43 -9.57
C SER A 11 3.51 7.28 -9.30
N ARG A 12 2.68 7.36 -10.35
CA ARG A 12 1.22 7.18 -10.30
C ARG A 12 0.81 5.79 -9.81
N TYR A 13 1.50 4.74 -10.25
CA TYR A 13 1.32 3.39 -9.71
C TYR A 13 1.70 3.30 -8.23
N ARG A 14 2.80 3.94 -7.81
CA ARG A 14 3.25 3.95 -6.41
C ARG A 14 2.31 4.69 -5.45
N LYS A 15 1.43 5.58 -5.93
CA LYS A 15 0.38 6.19 -5.11
C LYS A 15 -0.67 5.16 -4.68
N GLN A 16 -1.07 4.28 -5.59
CA GLN A 16 -1.98 3.17 -5.29
C GLN A 16 -1.34 2.17 -4.32
N MET A 17 -0.04 1.90 -4.44
CA MET A 17 0.71 1.03 -3.52
C MET A 17 0.74 1.59 -2.10
N ALA A 18 0.98 2.89 -1.97
CA ALA A 18 0.93 3.62 -0.70
C ALA A 18 -0.45 3.50 -0.01
N VAL A 19 -1.53 3.54 -0.79
CA VAL A 19 -2.90 3.27 -0.30
C VAL A 19 -3.05 1.83 0.20
N LYS A 20 -2.55 0.81 -0.53
CA LYS A 20 -2.65 -0.61 -0.09
C LYS A 20 -1.98 -0.83 1.26
N LYS A 21 -0.87 -0.14 1.45
CA LYS A 21 -0.06 -0.14 2.68
C LYS A 21 -0.79 0.52 3.87
N TYR A 22 -1.63 1.52 3.62
CA TYR A 22 -2.52 2.08 4.65
C TYR A 22 -3.67 1.12 5.01
N LEU A 23 -4.31 0.44 4.04
CA LEU A 23 -5.26 -0.64 4.35
C LEU A 23 -4.61 -1.78 5.16
N ALA A 24 -3.39 -2.17 4.80
CA ALA A 24 -2.61 -3.16 5.53
C ALA A 24 -2.26 -2.73 6.97
N ALA A 25 -2.07 -1.43 7.21
CA ALA A 25 -1.86 -0.88 8.54
C ALA A 25 -3.07 -1.03 9.48
N VAL A 26 -4.31 -0.96 8.96
CA VAL A 26 -5.53 -1.17 9.78
C VAL A 26 -5.72 -2.64 10.13
N LEU A 27 -5.42 -3.52 9.17
CA LEU A 27 -5.34 -4.97 9.40
C LEU A 27 -4.25 -5.30 10.46
N GLY A 28 -3.16 -4.53 10.46
CA GLY A 28 -2.08 -4.58 11.44
C GLY A 28 -2.48 -4.27 12.89
N LYS A 29 -3.58 -3.52 13.13
CA LYS A 29 -4.09 -3.25 14.49
C LYS A 29 -4.49 -4.53 15.22
N ARG A 30 -4.97 -5.52 14.46
CA ARG A 30 -5.33 -6.87 14.97
C ARG A 30 -4.10 -7.75 15.22
N TYR A 31 -3.00 -7.55 14.50
CA TYR A 31 -1.73 -8.24 14.78
C TYR A 31 -1.13 -7.86 16.13
N LYS A 32 -1.39 -6.63 16.62
CA LYS A 32 -0.93 -6.15 17.94
C LYS A 32 -1.56 -6.97 19.06
N GLN A 33 -2.87 -7.13 18.95
CA GLN A 33 -3.70 -7.93 19.86
C GLN A 33 -3.21 -9.37 20.02
N ARG A 34 -2.93 -10.05 18.90
CA ARG A 34 -2.36 -11.42 18.85
C ARG A 34 -0.95 -11.55 19.43
N VAL A 35 -0.26 -10.43 19.67
CA VAL A 35 1.06 -10.38 20.32
C VAL A 35 0.94 -9.98 21.80
N LYS A 36 0.04 -9.06 22.14
CA LYS A 36 -0.34 -8.73 23.53
C LYS A 36 -0.93 -9.92 24.29
N ASN A 37 -1.54 -10.85 23.56
CA ASN A 37 -2.01 -12.16 24.03
C ASN A 37 -0.87 -13.11 24.52
N LYS A 38 0.39 -12.76 24.25
CA LYS A 38 1.60 -13.56 24.55
C LYS A 38 2.68 -12.77 25.31
N HIS A 1 10.39 10.52 -25.63
CA HIS A 1 9.92 9.12 -25.44
C HIS A 1 10.85 8.38 -24.49
N SER A 2 10.29 7.72 -23.47
CA SER A 2 11.00 6.97 -22.40
C SER A 2 12.04 7.79 -21.61
N ASP A 3 11.95 9.13 -21.66
CA ASP A 3 12.91 10.08 -21.11
C ASP A 3 12.55 10.60 -19.71
N GLY A 4 11.26 10.64 -19.39
CA GLY A 4 10.72 11.15 -18.13
C GLY A 4 9.25 10.87 -17.86
N ILE A 5 8.40 10.96 -18.89
CA ILE A 5 6.99 10.56 -18.88
C ILE A 5 6.78 9.13 -18.39
N PHE A 6 7.74 8.26 -18.70
CA PHE A 6 7.77 6.85 -18.26
C PHE A 6 7.90 6.73 -16.73
N THR A 7 8.60 7.68 -16.11
CA THR A 7 8.83 7.74 -14.66
C THR A 7 7.64 8.35 -13.91
N ASP A 8 6.89 9.23 -14.56
CA ASP A 8 5.62 9.73 -14.05
C ASP A 8 4.48 8.72 -14.16
N SER A 9 4.50 7.95 -15.26
CA SER A 9 3.61 6.79 -15.44
C SER A 9 3.88 5.67 -14.44
N TYR A 10 5.11 5.59 -13.92
CA TYR A 10 5.47 4.73 -12.78
C TYR A 10 5.06 5.36 -11.45
N SER A 11 5.24 6.68 -11.30
CA SER A 11 4.83 7.44 -10.09
C SER A 11 3.34 7.29 -9.78
N ARG A 12 2.50 7.20 -10.83
CA ARG A 12 1.07 6.85 -10.77
C ARG A 12 0.75 5.56 -10.02
N TYR A 13 1.66 4.58 -9.98
CA TYR A 13 1.50 3.34 -9.22
C TYR A 13 1.96 3.45 -7.77
N ARG A 14 3.05 4.17 -7.47
CA ARG A 14 3.59 4.35 -6.10
C ARG A 14 2.56 4.87 -5.09
N LYS A 15 1.66 5.77 -5.51
CA LYS A 15 0.57 6.30 -4.67
C LYS A 15 -0.53 5.27 -4.38
N GLN A 16 -0.80 4.35 -5.32
CA GLN A 16 -1.71 3.23 -5.11
C GLN A 16 -1.11 2.20 -4.13
N MET A 17 0.20 1.95 -4.19
CA MET A 17 0.89 1.09 -3.23
C MET A 17 0.81 1.65 -1.80
N ALA A 18 1.01 2.96 -1.66
CA ALA A 18 0.90 3.68 -0.39
C ALA A 18 -0.49 3.55 0.25
N VAL A 19 -1.54 3.50 -0.57
CA VAL A 19 -2.91 3.19 -0.14
C VAL A 19 -3.04 1.74 0.33
N LYS A 20 -2.52 0.76 -0.42
CA LYS A 20 -2.61 -0.68 -0.03
C LYS A 20 -1.98 -0.91 1.33
N LYS A 21 -0.85 -0.24 1.53
CA LYS A 21 -0.06 -0.23 2.79
C LYS A 21 -0.82 0.38 3.97
N TYR A 22 -1.68 1.39 3.74
CA TYR A 22 -2.57 1.93 4.77
C TYR A 22 -3.74 0.98 5.08
N LEU A 23 -4.39 0.36 4.10
CA LEU A 23 -5.36 -0.71 4.35
C LEU A 23 -4.74 -1.86 5.16
N ALA A 24 -3.54 -2.28 4.81
CA ALA A 24 -2.77 -3.27 5.56
C ALA A 24 -2.42 -2.81 6.99
N ALA A 25 -2.19 -1.52 7.20
CA ALA A 25 -1.96 -0.95 8.53
C ALA A 25 -3.17 -1.09 9.48
N VAL A 26 -4.40 -0.99 8.98
CA VAL A 26 -5.62 -1.17 9.81
C VAL A 26 -5.83 -2.63 10.17
N LEU A 27 -5.59 -3.53 9.21
CA LEU A 27 -5.58 -4.97 9.42
C LEU A 27 -4.50 -5.40 10.42
N GLY A 28 -3.37 -4.69 10.41
CA GLY A 28 -2.31 -4.81 11.41
C GLY A 28 -2.75 -4.50 12.84
N LYS A 29 -3.69 -3.56 13.06
CA LYS A 29 -4.29 -3.33 14.40
C LYS A 29 -5.16 -4.51 14.84
N ARG A 30 -5.88 -5.13 13.89
CA ARG A 30 -6.73 -6.32 14.13
C ARG A 30 -5.92 -7.59 14.33
N TYR A 31 -4.73 -7.70 13.73
CA TYR A 31 -3.79 -8.79 14.00
C TYR A 31 -3.37 -8.86 15.48
N LYS A 32 -3.28 -7.71 16.16
CA LYS A 32 -2.90 -7.64 17.59
C LYS A 32 -3.94 -8.32 18.47
N GLN A 33 -5.18 -8.00 18.14
CA GLN A 33 -6.39 -8.54 18.75
C GLN A 33 -6.49 -10.06 18.60
N ARG A 34 -6.30 -10.57 17.38
CA ARG A 34 -6.26 -12.01 17.06
C ARG A 34 -5.09 -12.78 17.72
N VAL A 35 -4.11 -12.07 18.27
CA VAL A 35 -2.99 -12.64 19.05
C VAL A 35 -3.25 -12.55 20.56
N LYS A 36 -3.83 -11.44 21.04
CA LYS A 36 -4.33 -11.29 22.43
C LYS A 36 -5.44 -12.30 22.78
N ASN A 37 -6.19 -12.73 21.77
CA ASN A 37 -7.18 -13.81 21.81
C ASN A 37 -6.56 -15.22 22.09
N LYS A 38 -5.23 -15.35 22.01
CA LYS A 38 -4.46 -16.61 22.12
C LYS A 38 -3.32 -16.54 23.14
N HIS A 1 7.86 3.40 -24.22
CA HIS A 1 9.33 3.23 -24.19
C HIS A 1 9.87 3.46 -22.76
N SER A 2 11.18 3.67 -22.61
CA SER A 2 11.89 3.79 -21.32
C SER A 2 12.79 5.04 -21.25
N ASP A 3 12.57 6.01 -22.14
CA ASP A 3 13.37 7.25 -22.25
C ASP A 3 13.29 8.14 -20.98
N GLY A 4 12.14 8.12 -20.31
CA GLY A 4 11.89 8.86 -19.06
C GLY A 4 10.44 8.87 -18.58
N ILE A 5 9.51 8.89 -19.53
CA ILE A 5 8.05 8.82 -19.37
C ILE A 5 7.59 7.63 -18.50
N PHE A 6 8.37 6.55 -18.55
CA PHE A 6 8.19 5.37 -17.69
C PHE A 6 8.13 5.74 -16.20
N THR A 7 8.89 6.77 -15.81
CA THR A 7 8.98 7.27 -14.42
C THR A 7 7.71 7.94 -13.92
N ASP A 8 6.87 8.41 -14.85
CA ASP A 8 5.62 9.09 -14.53
C ASP A 8 4.47 8.11 -14.29
N SER A 9 4.38 7.07 -15.11
CA SER A 9 3.48 5.94 -14.88
C SER A 9 3.90 5.14 -13.65
N TYR A 10 5.20 5.03 -13.39
CA TYR A 10 5.73 4.49 -12.13
C TYR A 10 5.27 5.32 -10.93
N SER A 11 5.31 6.65 -11.06
CA SER A 11 4.83 7.60 -10.05
C SER A 11 3.30 7.50 -9.82
N ARG A 12 2.50 7.21 -10.85
CA ARG A 12 1.07 6.91 -10.74
C ARG A 12 0.76 5.68 -9.90
N TYR A 13 1.63 4.66 -9.93
CA TYR A 13 1.50 3.49 -9.07
C TYR A 13 1.93 3.77 -7.61
N ARG A 14 2.91 4.64 -7.35
CA ARG A 14 3.42 4.90 -5.98
C ARG A 14 2.32 5.33 -5.00
N LYS A 15 1.41 6.21 -5.44
CA LYS A 15 0.29 6.70 -4.61
C LYS A 15 -0.74 5.63 -4.31
N GLN A 16 -0.98 4.72 -5.26
CA GLN A 16 -1.88 3.58 -5.07
C GLN A 16 -1.27 2.54 -4.11
N MET A 17 0.05 2.30 -4.21
CA MET A 17 0.77 1.39 -3.32
C MET A 17 0.78 1.89 -1.88
N ALA A 18 1.00 3.18 -1.68
CA ALA A 18 0.93 3.85 -0.38
C ALA A 18 -0.44 3.69 0.30
N VAL A 19 -1.52 3.68 -0.50
CA VAL A 19 -2.88 3.38 -0.05
C VAL A 19 -3.04 1.90 0.33
N LYS A 20 -2.55 0.95 -0.49
CA LYS A 20 -2.67 -0.50 -0.17
C LYS A 20 -2.00 -0.83 1.15
N LYS A 21 -0.86 -0.19 1.36
CA LYS A 21 -0.05 -0.26 2.60
C LYS A 21 -0.77 0.32 3.83
N TYR A 22 -1.61 1.35 3.66
CA TYR A 22 -2.47 1.87 4.73
C TYR A 22 -3.65 0.91 5.03
N LEU A 23 -4.34 0.35 4.02
CA LEU A 23 -5.32 -0.71 4.26
C LEU A 23 -4.72 -1.92 5.01
N ALA A 24 -3.51 -2.33 4.63
CA ALA A 24 -2.75 -3.37 5.32
C ALA A 24 -2.35 -2.97 6.75
N ALA A 25 -2.08 -1.69 7.02
CA ALA A 25 -1.81 -1.17 8.36
C ALA A 25 -3.00 -1.32 9.32
N VAL A 26 -4.24 -1.15 8.85
CA VAL A 26 -5.45 -1.32 9.70
C VAL A 26 -5.69 -2.79 10.01
N LEU A 27 -5.47 -3.66 9.02
CA LEU A 27 -5.45 -5.11 9.20
C LEU A 27 -4.36 -5.53 10.21
N GLY A 28 -3.22 -4.82 10.21
CA GLY A 28 -2.14 -4.96 11.19
C GLY A 28 -2.54 -4.65 12.63
N LYS A 29 -3.43 -3.68 12.87
CA LYS A 29 -4.00 -3.41 14.21
C LYS A 29 -4.83 -4.60 14.69
N ARG A 30 -5.63 -5.19 13.80
CA ARG A 30 -6.53 -6.31 14.11
C ARG A 30 -5.81 -7.64 14.31
N TYR A 31 -4.74 -7.87 13.55
CA TYR A 31 -3.87 -9.05 13.69
C TYR A 31 -3.29 -9.19 15.10
N LYS A 32 -3.01 -8.06 15.77
CA LYS A 32 -2.52 -8.00 17.16
C LYS A 32 -3.61 -8.35 18.14
N GLN A 33 -4.74 -7.66 18.02
CA GLN A 33 -5.94 -7.84 18.85
C GLN A 33 -6.44 -9.29 18.89
N ARG A 34 -6.55 -9.93 17.71
CA ARG A 34 -6.95 -11.34 17.53
C ARG A 34 -6.02 -12.36 18.20
N VAL A 35 -4.84 -11.94 18.64
CA VAL A 35 -3.85 -12.77 19.38
C VAL A 35 -3.77 -12.36 20.85
N LYS A 36 -3.80 -11.06 21.17
CA LYS A 36 -3.86 -10.54 22.55
C LYS A 36 -5.11 -10.98 23.32
N ASN A 37 -6.21 -11.19 22.61
CA ASN A 37 -7.49 -11.70 23.14
C ASN A 37 -7.42 -13.17 23.63
N LYS A 38 -6.40 -13.93 23.22
CA LYS A 38 -6.18 -15.33 23.61
C LYS A 38 -5.57 -15.51 25.01
N HIS A 1 11.71 0.13 -26.88
CA HIS A 1 11.52 1.60 -26.90
C HIS A 1 10.42 2.03 -25.92
N SER A 2 10.52 3.26 -25.41
CA SER A 2 9.51 3.91 -24.54
C SER A 2 9.53 5.42 -24.75
N ASP A 3 8.35 6.01 -25.05
CA ASP A 3 8.21 7.44 -25.38
C ASP A 3 8.58 8.37 -24.21
N GLY A 4 8.20 7.98 -22.99
CA GLY A 4 8.51 8.72 -21.76
C GLY A 4 7.46 8.62 -20.66
N ILE A 5 6.20 8.50 -21.05
CA ILE A 5 5.00 8.34 -20.23
C ILE A 5 5.13 7.21 -19.20
N PHE A 6 5.88 6.17 -19.56
CA PHE A 6 6.20 5.03 -18.71
C PHE A 6 6.90 5.45 -17.41
N THR A 7 7.69 6.53 -17.48
CA THR A 7 8.49 7.04 -16.36
C THR A 7 7.70 7.87 -15.36
N ASP A 8 6.46 8.24 -15.71
CA ASP A 8 5.52 8.97 -14.86
C ASP A 8 4.33 8.13 -14.45
N SER A 9 3.97 7.14 -15.26
CA SER A 9 2.98 6.11 -14.90
C SER A 9 3.48 5.29 -13.70
N TYR A 10 4.80 5.20 -13.52
CA TYR A 10 5.42 4.64 -12.31
C TYR A 10 5.13 5.52 -11.09
N SER A 11 5.29 6.85 -11.24
CA SER A 11 4.99 7.87 -10.23
C SER A 11 3.49 7.97 -9.90
N ARG A 12 2.59 7.54 -10.80
CA ARG A 12 1.16 7.37 -10.54
C ARG A 12 0.88 6.11 -9.71
N TYR A 13 1.54 5.01 -10.05
CA TYR A 13 1.34 3.71 -9.39
C TYR A 13 1.89 3.65 -7.96
N ARG A 14 3.02 4.30 -7.66
CA ARG A 14 3.61 4.34 -6.31
C ARG A 14 2.69 4.99 -5.26
N LYS A 15 1.77 5.87 -5.67
CA LYS A 15 0.75 6.48 -4.80
C LYS A 15 -0.36 5.49 -4.42
N GLN A 16 -0.72 4.56 -5.31
CA GLN A 16 -1.63 3.47 -4.99
C GLN A 16 -1.00 2.50 -3.98
N MET A 17 0.28 2.16 -4.12
CA MET A 17 0.98 1.26 -3.18
C MET A 17 1.08 1.83 -1.77
N ALA A 18 1.26 3.15 -1.65
CA ALA A 18 1.18 3.89 -0.39
C ALA A 18 -0.21 3.78 0.29
N VAL A 19 -1.27 3.51 -0.48
CA VAL A 19 -2.62 3.24 0.03
C VAL A 19 -2.80 1.76 0.43
N LYS A 20 -2.26 0.78 -0.32
CA LYS A 20 -2.24 -0.64 0.13
C LYS A 20 -1.60 -0.77 1.51
N LYS A 21 -0.52 -0.01 1.74
CA LYS A 21 0.19 0.07 3.03
C LYS A 21 -0.67 0.63 4.18
N TYR A 22 -1.69 1.46 3.90
CA TYR A 22 -2.69 1.88 4.88
C TYR A 22 -3.79 0.84 5.10
N LEU A 23 -4.31 0.16 4.05
CA LEU A 23 -5.20 -0.98 4.26
C LEU A 23 -4.56 -2.07 5.13
N ALA A 24 -3.27 -2.36 4.90
CA ALA A 24 -2.48 -3.26 5.73
C ALA A 24 -2.38 -2.82 7.20
N ALA A 25 -2.35 -1.51 7.46
CA ALA A 25 -2.36 -0.95 8.82
C ALA A 25 -3.68 -1.20 9.57
N VAL A 26 -4.82 -1.23 8.89
CA VAL A 26 -6.13 -1.53 9.50
C VAL A 26 -6.34 -3.02 9.68
N LEU A 27 -5.85 -3.81 8.72
CA LEU A 27 -5.76 -5.27 8.81
C LEU A 27 -4.86 -5.71 9.98
N GLY A 28 -3.86 -4.92 10.33
CA GLY A 28 -3.03 -5.08 11.53
C GLY A 28 -3.82 -5.12 12.84
N LYS A 29 -4.94 -4.37 12.95
CA LYS A 29 -5.84 -4.42 14.12
C LYS A 29 -6.53 -5.79 14.25
N ARG A 30 -6.87 -6.39 13.11
CA ARG A 30 -7.51 -7.71 13.01
C ARG A 30 -6.50 -8.86 13.16
N TYR A 31 -5.25 -8.66 12.75
CA TYR A 31 -4.17 -9.65 12.89
C TYR A 31 -3.92 -10.04 14.36
N LYS A 32 -4.17 -9.13 15.30
CA LYS A 32 -4.10 -9.40 16.75
C LYS A 32 -5.12 -10.43 17.16
N GLN A 33 -6.37 -10.15 16.77
CA GLN A 33 -7.54 -11.01 17.01
C GLN A 33 -7.39 -12.39 16.37
N ARG A 34 -6.95 -12.44 15.11
CA ARG A 34 -6.67 -13.67 14.34
C ARG A 34 -5.55 -14.55 14.93
N VAL A 35 -4.78 -14.01 15.87
CA VAL A 35 -3.74 -14.74 16.64
C VAL A 35 -4.24 -15.13 18.03
N LYS A 36 -4.95 -14.24 18.73
CA LYS A 36 -5.63 -14.55 20.02
C LYS A 36 -6.68 -15.65 19.91
N ASN A 37 -7.30 -15.77 18.74
CA ASN A 37 -8.24 -16.84 18.36
C ASN A 37 -7.60 -18.24 18.21
N LYS A 38 -6.26 -18.31 18.14
CA LYS A 38 -5.46 -19.51 17.80
C LYS A 38 -4.36 -19.84 18.83
N HIS A 1 9.91 12.83 -12.50
CA HIS A 1 9.88 13.59 -13.77
C HIS A 1 9.56 12.68 -14.96
N SER A 2 8.94 13.24 -16.01
CA SER A 2 8.52 12.53 -17.25
C SER A 2 9.66 12.17 -18.22
N ASP A 3 10.93 12.28 -17.80
CA ASP A 3 12.14 12.18 -18.62
C ASP A 3 12.26 10.90 -19.47
N GLY A 4 11.69 9.79 -18.97
CA GLY A 4 11.64 8.49 -19.63
C GLY A 4 10.29 7.81 -19.56
N ILE A 5 9.22 8.62 -19.51
CA ILE A 5 7.77 8.47 -19.46
C ILE A 5 7.16 7.40 -18.55
N PHE A 6 7.79 6.24 -18.55
CA PHE A 6 7.53 5.12 -17.66
C PHE A 6 7.73 5.51 -16.19
N THR A 7 8.57 6.50 -15.91
CA THR A 7 8.81 7.08 -14.56
C THR A 7 7.58 7.79 -13.99
N ASP A 8 6.75 8.33 -14.87
CA ASP A 8 5.49 8.97 -14.48
C ASP A 8 4.34 7.98 -14.32
N SER A 9 4.28 6.99 -15.20
CA SER A 9 3.36 5.86 -15.03
C SER A 9 3.68 5.03 -13.77
N TYR A 10 4.97 4.99 -13.38
CA TYR A 10 5.39 4.44 -12.09
C TYR A 10 4.97 5.32 -10.92
N SER A 11 5.14 6.65 -11.03
CA SER A 11 4.73 7.60 -10.00
C SER A 11 3.22 7.55 -9.71
N ARG A 12 2.41 7.38 -10.77
CA ARG A 12 0.95 7.14 -10.75
C ARG A 12 0.53 5.84 -10.06
N TYR A 13 1.39 4.82 -10.10
CA TYR A 13 1.18 3.55 -9.40
C TYR A 13 1.69 3.56 -7.95
N ARG A 14 2.84 4.20 -7.69
CA ARG A 14 3.47 4.34 -6.37
C ARG A 14 2.58 5.05 -5.36
N LYS A 15 1.75 6.01 -5.78
CA LYS A 15 0.77 6.69 -4.91
C LYS A 15 -0.40 5.81 -4.49
N GLN A 16 -0.74 4.79 -5.29
CA GLN A 16 -1.68 3.74 -4.93
C GLN A 16 -1.04 2.70 -4.01
N MET A 17 0.24 2.34 -4.21
CA MET A 17 0.97 1.44 -3.30
C MET A 17 1.13 2.04 -1.89
N ALA A 18 1.29 3.36 -1.81
CA ALA A 18 1.25 4.11 -0.56
C ALA A 18 -0.11 3.97 0.19
N VAL A 19 -1.21 3.81 -0.54
CA VAL A 19 -2.55 3.55 0.00
C VAL A 19 -2.73 2.09 0.43
N LYS A 20 -2.23 1.10 -0.33
CA LYS A 20 -2.22 -0.34 0.06
C LYS A 20 -1.62 -0.57 1.45
N LYS A 21 -0.58 0.20 1.77
CA LYS A 21 0.13 0.17 3.07
C LYS A 21 -0.73 0.68 4.23
N TYR A 22 -1.67 1.58 3.97
CA TYR A 22 -2.68 2.01 4.94
C TYR A 22 -3.77 0.95 5.16
N LEU A 23 -4.26 0.28 4.10
CA LEU A 23 -5.14 -0.88 4.25
C LEU A 23 -4.50 -2.01 5.08
N ALA A 24 -3.22 -2.29 4.82
CA ALA A 24 -2.44 -3.26 5.59
C ALA A 24 -2.32 -2.91 7.09
N ALA A 25 -2.29 -1.62 7.43
CA ALA A 25 -2.30 -1.16 8.82
C ALA A 25 -3.62 -1.46 9.56
N VAL A 26 -4.77 -1.43 8.87
CA VAL A 26 -6.09 -1.78 9.47
C VAL A 26 -6.23 -3.29 9.62
N LEU A 27 -5.73 -4.05 8.65
CA LEU A 27 -5.60 -5.51 8.73
C LEU A 27 -4.72 -5.94 9.90
N GLY A 28 -3.70 -5.15 10.23
CA GLY A 28 -2.88 -5.32 11.44
C GLY A 28 -3.65 -5.21 12.76
N LYS A 29 -4.69 -4.35 12.83
CA LYS A 29 -5.58 -4.27 14.01
C LYS A 29 -6.41 -5.54 14.18
N ARG A 30 -6.82 -6.15 13.06
CA ARG A 30 -7.60 -7.41 13.04
C ARG A 30 -6.74 -8.65 13.27
N TYR A 31 -5.47 -8.64 12.87
CA TYR A 31 -4.51 -9.72 13.14
C TYR A 31 -4.34 -9.99 14.65
N LYS A 32 -4.46 -8.95 15.48
CA LYS A 32 -4.46 -9.05 16.95
C LYS A 32 -5.67 -9.81 17.46
N GLN A 33 -6.83 -9.34 17.03
CA GLN A 33 -8.14 -9.92 17.33
C GLN A 33 -8.24 -11.42 16.98
N ARG A 34 -7.78 -11.79 15.78
CA ARG A 34 -7.69 -13.19 15.31
C ARG A 34 -6.74 -14.09 16.10
N VAL A 35 -5.89 -13.51 16.95
CA VAL A 35 -5.01 -14.23 17.91
C VAL A 35 -5.62 -14.23 19.32
N LYS A 36 -6.24 -13.13 19.75
CA LYS A 36 -7.04 -13.05 21.00
C LYS A 36 -8.23 -14.03 21.01
N ASN A 37 -8.75 -14.34 19.82
CA ASN A 37 -9.76 -15.38 19.54
C ASN A 37 -9.29 -16.82 19.86
N LYS A 38 -8.00 -17.02 20.12
CA LYS A 38 -7.34 -18.32 20.35
C LYS A 38 -6.56 -18.38 21.67
N HIS A 1 5.32 9.44 -29.18
CA HIS A 1 6.10 10.44 -28.40
C HIS A 1 6.13 10.07 -26.92
N SER A 2 7.30 10.18 -26.29
CA SER A 2 7.49 9.94 -24.83
C SER A 2 8.67 10.75 -24.31
N ASP A 3 8.39 11.80 -23.53
CA ASP A 3 9.41 12.56 -22.76
C ASP A 3 9.92 11.74 -21.56
N GLY A 4 9.03 10.96 -20.95
CA GLY A 4 9.25 10.08 -19.81
C GLY A 4 7.92 9.57 -19.28
N ILE A 5 7.12 8.92 -20.13
CA ILE A 5 5.91 8.21 -19.74
C ILE A 5 6.20 7.19 -18.64
N PHE A 6 7.34 6.52 -18.77
CA PHE A 6 7.93 5.60 -17.81
C PHE A 6 8.33 6.28 -16.49
N THR A 7 8.52 7.60 -16.50
CA THR A 7 8.88 8.43 -15.32
C THR A 7 7.64 8.96 -14.58
N ASP A 8 6.42 8.63 -15.04
CA ASP A 8 5.15 9.07 -14.45
C ASP A 8 4.15 7.94 -14.23
N SER A 9 4.08 6.97 -15.14
CA SER A 9 3.33 5.73 -14.93
C SER A 9 3.86 4.96 -13.71
N TYR A 10 5.15 5.13 -13.40
CA TYR A 10 5.78 4.67 -12.16
C TYR A 10 5.19 5.35 -10.93
N SER A 11 5.07 6.67 -10.95
CA SER A 11 4.52 7.50 -9.86
C SER A 11 3.02 7.26 -9.64
N ARG A 12 2.26 6.97 -10.71
CA ARG A 12 0.86 6.52 -10.66
C ARG A 12 0.68 5.21 -9.88
N TYR A 13 1.68 4.33 -9.93
CA TYR A 13 1.74 3.12 -9.11
C TYR A 13 2.26 3.40 -7.69
N ARG A 14 3.20 4.35 -7.49
CA ARG A 14 3.69 4.73 -6.15
C ARG A 14 2.57 5.24 -5.25
N LYS A 15 1.68 6.10 -5.78
CA LYS A 15 0.62 6.75 -5.00
C LYS A 15 -0.50 5.81 -4.60
N GLN A 16 -0.75 4.74 -5.37
CA GLN A 16 -1.73 3.72 -5.02
C GLN A 16 -1.15 2.70 -4.03
N MET A 17 0.14 2.37 -4.13
CA MET A 17 0.84 1.51 -3.18
C MET A 17 0.93 2.12 -1.78
N ALA A 18 1.21 3.42 -1.71
CA ALA A 18 1.18 4.19 -0.47
C ALA A 18 -0.17 4.07 0.27
N VAL A 19 -1.27 4.03 -0.48
CA VAL A 19 -2.63 3.79 0.02
C VAL A 19 -2.82 2.33 0.45
N LYS A 20 -2.38 1.33 -0.33
CA LYS A 20 -2.55 -0.12 0.00
C LYS A 20 -1.90 -0.47 1.33
N LYS A 21 -0.78 0.18 1.61
CA LYS A 21 0.00 0.05 2.85
C LYS A 21 -0.75 0.55 4.08
N TYR A 22 -1.59 1.58 3.93
CA TYR A 22 -2.49 2.05 4.99
C TYR A 22 -3.66 1.09 5.23
N LEU A 23 -4.29 0.54 4.19
CA LEU A 23 -5.28 -0.54 4.35
C LEU A 23 -4.68 -1.77 5.05
N ALA A 24 -3.49 -2.18 4.63
CA ALA A 24 -2.74 -3.28 5.24
C ALA A 24 -2.41 -3.05 6.73
N ALA A 25 -2.19 -1.79 7.13
CA ALA A 25 -1.96 -1.42 8.53
C ALA A 25 -3.19 -1.67 9.44
N VAL A 26 -4.41 -1.50 8.93
CA VAL A 26 -5.65 -1.77 9.70
C VAL A 26 -5.96 -3.25 9.75
N LEU A 27 -5.70 -3.96 8.64
CA LEU A 27 -5.75 -5.42 8.56
C LEU A 27 -4.75 -6.07 9.53
N GLY A 28 -3.59 -5.44 9.73
CA GLY A 28 -2.59 -5.81 10.73
C GLY A 28 -3.10 -5.84 12.17
N LYS A 29 -4.07 -4.99 12.54
CA LYS A 29 -4.70 -5.02 13.87
C LYS A 29 -5.52 -6.30 14.10
N ARG A 30 -6.14 -6.82 13.02
CA ARG A 30 -6.95 -8.05 13.01
C ARG A 30 -6.10 -9.30 12.84
N TYR A 31 -4.98 -9.21 12.11
CA TYR A 31 -4.06 -10.32 11.85
C TYR A 31 -3.52 -10.96 13.13
N LYS A 32 -3.39 -10.18 14.22
CA LYS A 32 -2.97 -10.68 15.55
C LYS A 32 -3.97 -11.69 16.08
N GLN A 33 -5.23 -11.28 16.04
CA GLN A 33 -6.39 -12.07 16.47
C GLN A 33 -6.62 -13.30 15.59
N ARG A 34 -6.57 -13.12 14.25
CA ARG A 34 -6.70 -14.19 13.26
C ARG A 34 -5.59 -15.25 13.31
N VAL A 35 -4.49 -14.95 14.00
CA VAL A 35 -3.39 -15.90 14.28
C VAL A 35 -3.65 -16.62 15.61
N LYS A 36 -4.06 -15.92 16.67
CA LYS A 36 -4.48 -16.54 17.95
C LYS A 36 -5.70 -17.47 17.81
N ASN A 37 -6.55 -17.20 16.83
CA ASN A 37 -7.69 -18.03 16.41
C ASN A 37 -7.29 -19.36 15.73
N LYS A 38 -6.01 -19.55 15.40
CA LYS A 38 -5.45 -20.68 14.63
C LYS A 38 -4.22 -21.33 15.29
N HIS A 1 10.72 3.10 -27.02
CA HIS A 1 11.87 4.00 -26.78
C HIS A 1 11.60 4.89 -25.57
N SER A 2 12.63 5.12 -24.73
CA SER A 2 12.58 6.01 -23.57
C SER A 2 12.35 7.47 -23.94
N ASP A 3 11.85 8.24 -22.98
CA ASP A 3 11.58 9.69 -23.10
C ASP A 3 11.66 10.41 -21.74
N GLY A 4 10.94 9.90 -20.74
CA GLY A 4 10.91 10.45 -19.37
C GLY A 4 9.56 10.32 -18.69
N ILE A 5 8.48 10.56 -19.44
CA ILE A 5 7.07 10.36 -19.08
C ILE A 5 6.75 8.94 -18.60
N PHE A 6 7.52 7.97 -19.10
CA PHE A 6 7.50 6.58 -18.64
C PHE A 6 7.70 6.48 -17.11
N THR A 7 8.51 7.39 -16.55
CA THR A 7 8.81 7.47 -15.11
C THR A 7 7.66 8.03 -14.29
N ASP A 8 6.86 8.90 -14.90
CA ASP A 8 5.66 9.46 -14.28
C ASP A 8 4.48 8.49 -14.29
N SER A 9 4.34 7.76 -15.39
CA SER A 9 3.38 6.65 -15.49
C SER A 9 3.66 5.54 -14.47
N TYR A 10 4.94 5.35 -14.10
CA TYR A 10 5.35 4.48 -13.00
C TYR A 10 5.16 5.14 -11.62
N SER A 11 5.42 6.44 -11.47
CA SER A 11 5.19 7.20 -10.24
C SER A 11 3.71 7.22 -9.82
N ARG A 12 2.79 7.22 -10.80
CA ARG A 12 1.34 7.04 -10.62
C ARG A 12 0.91 5.77 -9.88
N TYR A 13 1.74 4.72 -9.80
CA TYR A 13 1.48 3.54 -8.96
C TYR A 13 2.01 3.67 -7.52
N ARG A 14 2.99 4.52 -7.22
CA ARG A 14 3.54 4.66 -5.85
C ARG A 14 2.50 5.16 -4.85
N LYS A 15 1.58 6.03 -5.29
CA LYS A 15 0.43 6.49 -4.48
C LYS A 15 -0.64 5.39 -4.27
N GLN A 16 -0.82 4.50 -5.24
CA GLN A 16 -1.69 3.33 -5.13
C GLN A 16 -1.12 2.32 -4.12
N MET A 17 0.20 2.11 -4.12
CA MET A 17 0.89 1.28 -3.13
C MET A 17 0.79 1.84 -1.71
N ALA A 18 0.96 3.16 -1.56
CA ALA A 18 0.79 3.86 -0.29
C ALA A 18 -0.61 3.68 0.32
N VAL A 19 -1.64 3.57 -0.53
CA VAL A 19 -3.00 3.20 -0.14
C VAL A 19 -3.09 1.74 0.30
N LYS A 20 -2.51 0.78 -0.45
CA LYS A 20 -2.54 -0.66 -0.07
C LYS A 20 -1.91 -0.89 1.29
N LYS A 21 -0.82 -0.18 1.52
CA LYS A 21 -0.07 -0.13 2.78
C LYS A 21 -0.89 0.41 3.94
N TYR A 22 -1.79 1.38 3.72
CA TYR A 22 -2.73 1.85 4.74
C TYR A 22 -3.84 0.84 5.03
N LEU A 23 -4.45 0.21 4.01
CA LEU A 23 -5.38 -0.90 4.23
C LEU A 23 -4.74 -2.04 5.04
N ALA A 24 -3.49 -2.38 4.74
CA ALA A 24 -2.70 -3.35 5.51
C ALA A 24 -2.38 -2.87 6.94
N ALA A 25 -2.20 -1.57 7.16
CA ALA A 25 -1.99 -0.98 8.48
C ALA A 25 -3.21 -1.13 9.41
N VAL A 26 -4.45 -1.08 8.90
CA VAL A 26 -5.67 -1.29 9.72
C VAL A 26 -5.83 -2.75 10.12
N LEU A 27 -5.52 -3.66 9.19
CA LEU A 27 -5.41 -5.09 9.45
C LEU A 27 -4.30 -5.38 10.49
N GLY A 28 -3.21 -4.61 10.44
CA GLY A 28 -2.13 -4.59 11.43
C GLY A 28 -2.58 -4.33 12.87
N LYS A 29 -3.64 -3.51 13.09
CA LYS A 29 -4.17 -3.26 14.44
C LYS A 29 -4.81 -4.50 15.06
N ARG A 30 -5.37 -5.37 14.22
CA ARG A 30 -5.92 -6.69 14.63
C ARG A 30 -4.85 -7.79 14.69
N TYR A 31 -3.77 -7.67 13.92
CA TYR A 31 -2.65 -8.63 13.93
C TYR A 31 -1.89 -8.67 15.28
N LYS A 32 -1.93 -7.59 16.06
CA LYS A 32 -1.35 -7.52 17.42
C LYS A 32 -1.99 -8.55 18.33
N GLN A 33 -3.32 -8.57 18.29
CA GLN A 33 -4.17 -9.52 19.02
C GLN A 33 -3.85 -10.98 18.70
N ARG A 34 -3.69 -11.30 17.41
CA ARG A 34 -3.30 -12.64 16.90
C ARG A 34 -1.94 -13.13 17.38
N VAL A 35 -1.11 -12.23 17.92
CA VAL A 35 0.23 -12.52 18.46
C VAL A 35 0.24 -12.51 19.99
N LYS A 36 -0.46 -11.56 20.63
CA LYS A 36 -0.66 -11.54 22.10
C LYS A 36 -1.45 -12.75 22.63
N ASN A 37 -2.28 -13.35 21.77
CA ASN A 37 -2.97 -14.63 22.00
C ASN A 37 -2.04 -15.87 22.04
N LYS A 38 -0.77 -15.72 21.65
CA LYS A 38 0.22 -16.80 21.44
C LYS A 38 1.57 -16.56 22.16
N HIS A 1 3.77 15.47 -22.21
CA HIS A 1 3.87 14.70 -23.47
C HIS A 1 4.76 13.46 -23.28
N SER A 2 5.11 12.75 -24.36
CA SER A 2 5.80 11.44 -24.40
C SER A 2 7.19 11.33 -23.75
N ASP A 3 7.70 12.40 -23.14
CA ASP A 3 8.99 12.45 -22.43
C ASP A 3 9.16 11.38 -21.34
N GLY A 4 8.08 11.05 -20.64
CA GLY A 4 8.04 10.06 -19.56
C GLY A 4 6.63 9.79 -19.06
N ILE A 5 5.70 9.51 -19.99
CA ILE A 5 4.37 9.00 -19.69
C ILE A 5 4.44 7.74 -18.82
N PHE A 6 5.42 6.90 -19.14
CA PHE A 6 5.79 5.70 -18.41
C PHE A 6 6.39 6.02 -17.04
N THR A 7 7.04 7.18 -16.90
CA THR A 7 7.65 7.63 -15.62
C THR A 7 6.61 8.21 -14.67
N ASP A 8 5.60 8.85 -15.24
CA ASP A 8 4.43 9.31 -14.50
C ASP A 8 3.52 8.17 -14.08
N SER A 9 3.33 7.19 -14.95
CA SER A 9 2.59 5.96 -14.62
C SER A 9 3.28 5.15 -13.52
N TYR A 10 4.61 5.20 -13.46
CA TYR A 10 5.43 4.60 -12.40
C TYR A 10 5.37 5.39 -11.09
N SER A 11 5.19 6.72 -11.19
CA SER A 11 4.94 7.60 -10.04
C SER A 11 3.53 7.41 -9.46
N ARG A 12 2.51 7.22 -10.32
CA ARG A 12 1.14 6.83 -9.95
C ARG A 12 1.07 5.48 -9.26
N TYR A 13 1.88 4.52 -9.69
CA TYR A 13 1.97 3.21 -9.04
C TYR A 13 2.47 3.31 -7.59
N ARG A 14 3.46 4.18 -7.32
CA ARG A 14 3.91 4.46 -5.94
C ARG A 14 2.82 5.04 -5.06
N LYS A 15 1.99 5.94 -5.58
CA LYS A 15 0.84 6.52 -4.86
C LYS A 15 -0.27 5.50 -4.58
N GLN A 16 -0.48 4.56 -5.50
CA GLN A 16 -1.39 3.42 -5.26
C GLN A 16 -0.84 2.50 -4.16
N MET A 17 0.44 2.15 -4.20
CA MET A 17 1.07 1.25 -3.21
C MET A 17 1.10 1.86 -1.80
N ALA A 18 1.34 3.16 -1.71
CA ALA A 18 1.22 3.93 -0.47
C ALA A 18 -0.18 3.81 0.17
N VAL A 19 -1.22 3.64 -0.64
CA VAL A 19 -2.59 3.37 -0.20
C VAL A 19 -2.78 1.91 0.23
N LYS A 20 -2.28 0.90 -0.52
CA LYS A 20 -2.29 -0.51 -0.06
C LYS A 20 -1.66 -0.67 1.32
N LYS A 21 -0.56 0.04 1.55
CA LYS A 21 0.18 0.05 2.83
C LYS A 21 -0.65 0.60 4.00
N TYR A 22 -1.57 1.54 3.74
CA TYR A 22 -2.51 2.04 4.75
C TYR A 22 -3.70 1.10 4.97
N LEU A 23 -4.26 0.47 3.94
CA LEU A 23 -5.24 -0.61 4.14
C LEU A 23 -4.67 -1.77 4.96
N ALA A 24 -3.45 -2.19 4.64
CA ALA A 24 -2.70 -3.20 5.39
C ALA A 24 -2.49 -2.83 6.87
N ALA A 25 -2.32 -1.54 7.17
CA ALA A 25 -2.22 -1.04 8.54
C ALA A 25 -3.50 -1.25 9.37
N VAL A 26 -4.68 -1.13 8.76
CA VAL A 26 -5.97 -1.38 9.46
C VAL A 26 -6.21 -2.88 9.64
N LEU A 27 -5.89 -3.67 8.61
CA LEU A 27 -5.97 -5.13 8.66
C LEU A 27 -5.04 -5.71 9.73
N GLY A 28 -3.88 -5.09 9.94
CA GLY A 28 -2.97 -5.37 11.05
C GLY A 28 -3.58 -5.18 12.44
N LYS A 29 -4.51 -4.23 12.64
CA LYS A 29 -5.26 -4.11 13.91
C LYS A 29 -6.23 -5.27 14.11
N ARG A 30 -6.84 -5.78 13.03
CA ARG A 30 -7.86 -6.84 13.09
C ARG A 30 -7.27 -8.25 13.12
N TYR A 31 -6.11 -8.46 12.51
CA TYR A 31 -5.37 -9.73 12.55
C TYR A 31 -5.02 -10.17 13.98
N LYS A 32 -4.79 -9.20 14.88
CA LYS A 32 -4.55 -9.42 16.31
C LYS A 32 -5.78 -9.99 16.99
N GLN A 33 -6.88 -9.26 16.81
CA GLN A 33 -8.22 -9.63 17.30
C GLN A 33 -8.66 -11.03 16.85
N ARG A 34 -8.50 -11.34 15.56
CA ARG A 34 -8.79 -12.65 14.94
C ARG A 34 -7.98 -13.83 15.51
N VAL A 35 -6.93 -13.55 16.29
CA VAL A 35 -6.10 -14.54 16.99
C VAL A 35 -6.39 -14.54 18.50
N LYS A 36 -6.61 -13.37 19.11
CA LYS A 36 -7.08 -13.23 20.51
C LYS A 36 -8.45 -13.88 20.75
N ASN A 37 -9.28 -13.95 19.70
CA ASN A 37 -10.55 -14.68 19.65
C ASN A 37 -10.42 -16.21 19.79
N LYS A 38 -9.19 -16.76 19.71
CA LYS A 38 -8.84 -18.18 19.74
C LYS A 38 -7.77 -18.52 20.79
N HIS A 1 11.95 13.80 -11.28
CA HIS A 1 12.65 13.46 -12.54
C HIS A 1 11.74 12.66 -13.47
N SER A 2 11.80 12.92 -14.78
CA SER A 2 11.11 12.16 -15.84
C SER A 2 11.90 12.24 -17.16
N ASP A 3 11.67 11.30 -18.08
CA ASP A 3 12.47 11.11 -19.30
C ASP A 3 11.66 10.65 -20.52
N GLY A 4 10.59 9.88 -20.31
CA GLY A 4 9.79 9.25 -21.39
C GLY A 4 8.36 8.92 -21.03
N ILE A 5 7.73 9.77 -20.20
CA ILE A 5 6.36 9.85 -19.69
C ILE A 5 5.89 8.63 -18.87
N PHE A 6 6.35 7.46 -19.23
CA PHE A 6 6.21 6.22 -18.46
C PHE A 6 6.89 6.37 -17.09
N THR A 7 7.95 7.18 -17.05
CA THR A 7 8.69 7.62 -15.86
C THR A 7 7.89 8.49 -14.87
N ASP A 8 6.71 8.95 -15.27
CA ASP A 8 5.73 9.62 -14.41
C ASP A 8 4.50 8.75 -14.15
N SER A 9 4.09 7.95 -15.13
CA SER A 9 3.06 6.92 -14.91
C SER A 9 3.50 5.91 -13.84
N TYR A 10 4.81 5.71 -13.66
CA TYR A 10 5.37 4.95 -12.55
C TYR A 10 5.15 5.63 -11.19
N SER A 11 5.27 6.96 -11.12
CA SER A 11 4.96 7.76 -9.93
C SER A 11 3.47 7.73 -9.56
N ARG A 12 2.57 7.72 -10.56
CA ARG A 12 1.13 7.48 -10.37
C ARG A 12 0.82 6.10 -9.81
N TYR A 13 1.53 5.07 -10.25
CA TYR A 13 1.41 3.71 -9.70
C TYR A 13 2.01 3.59 -8.28
N ARG A 14 3.09 4.33 -7.97
CA ARG A 14 3.71 4.39 -6.63
C ARG A 14 2.79 4.97 -5.53
N LYS A 15 1.69 5.64 -5.89
CA LYS A 15 0.63 6.06 -4.95
C LYS A 15 -0.30 4.91 -4.55
N GLN A 16 -0.56 3.97 -5.46
CA GLN A 16 -1.47 2.83 -5.22
C GLN A 16 -0.90 1.84 -4.20
N MET A 17 0.42 1.62 -4.20
CA MET A 17 1.07 0.74 -3.22
C MET A 17 1.03 1.31 -1.79
N ALA A 18 1.16 2.63 -1.65
CA ALA A 18 1.02 3.35 -0.38
C ALA A 18 -0.40 3.21 0.21
N VAL A 19 -1.42 3.12 -0.64
CA VAL A 19 -2.80 2.82 -0.25
C VAL A 19 -2.94 1.39 0.27
N LYS A 20 -2.38 0.38 -0.41
CA LYS A 20 -2.44 -1.04 0.05
C LYS A 20 -1.83 -1.20 1.44
N LYS A 21 -0.73 -0.49 1.63
CA LYS A 21 0.01 -0.40 2.90
C LYS A 21 -0.80 0.27 4.02
N TYR A 22 -1.67 1.24 3.70
CA TYR A 22 -2.60 1.82 4.66
C TYR A 22 -3.77 0.88 5.00
N LEU A 23 -4.37 0.17 4.02
CA LEU A 23 -5.33 -0.90 4.32
C LEU A 23 -4.74 -1.97 5.25
N ALA A 24 -3.49 -2.38 5.00
CA ALA A 24 -2.75 -3.29 5.87
C ALA A 24 -2.49 -2.71 7.28
N ALA A 25 -2.29 -1.40 7.39
CA ALA A 25 -2.13 -0.70 8.67
C ALA A 25 -3.41 -0.71 9.55
N VAL A 26 -4.61 -0.71 8.95
CA VAL A 26 -5.88 -0.82 9.71
C VAL A 26 -6.12 -2.27 10.14
N LEU A 27 -5.81 -3.24 9.27
CA LEU A 27 -5.80 -4.66 9.60
C LEU A 27 -4.81 -4.98 10.74
N GLY A 28 -3.70 -4.25 10.81
CA GLY A 28 -2.77 -4.27 11.93
C GLY A 28 -3.37 -3.87 13.28
N LYS A 29 -4.36 -2.98 13.31
CA LYS A 29 -5.09 -2.63 14.55
C LYS A 29 -5.90 -3.82 15.07
N ARG A 30 -6.49 -4.61 14.17
CA ARG A 30 -7.25 -5.82 14.51
C ARG A 30 -6.34 -6.96 14.98
N TYR A 31 -5.13 -7.05 14.45
CA TYR A 31 -4.11 -8.01 14.92
C TYR A 31 -3.73 -7.81 16.40
N LYS A 32 -3.82 -6.56 16.91
CA LYS A 32 -3.63 -6.27 18.35
C LYS A 32 -4.77 -6.84 19.17
N GLN A 33 -5.99 -6.47 18.77
CA GLN A 33 -7.25 -6.90 19.41
C GLN A 33 -7.38 -8.42 19.54
N ARG A 34 -7.09 -9.17 18.45
CA ARG A 34 -7.07 -10.64 18.40
C ARG A 34 -6.05 -11.31 19.33
N VAL A 35 -5.14 -10.54 19.91
CA VAL A 35 -4.10 -11.01 20.85
C VAL A 35 -4.35 -10.49 22.28
N LYS A 36 -4.79 -9.24 22.43
CA LYS A 36 -5.26 -8.65 23.70
C LYS A 36 -6.49 -9.35 24.30
N ASN A 37 -7.23 -10.09 23.48
CA ASN A 37 -8.31 -11.00 23.89
C ASN A 37 -7.83 -12.26 24.66
N LYS A 38 -6.52 -12.48 24.74
CA LYS A 38 -5.85 -13.67 25.30
C LYS A 38 -4.68 -13.24 26.21
N HIS A 1 6.32 1.35 -26.55
CA HIS A 1 6.26 0.57 -25.29
C HIS A 1 6.56 1.44 -24.06
N SER A 2 7.75 2.05 -23.99
CA SER A 2 8.26 2.79 -22.82
C SER A 2 8.75 4.20 -23.20
N ASP A 3 8.08 4.80 -24.19
CA ASP A 3 8.45 6.05 -24.88
C ASP A 3 8.62 7.29 -23.98
N GLY A 4 7.89 7.36 -22.86
CA GLY A 4 8.03 8.42 -21.87
C GLY A 4 6.98 8.43 -20.76
N ILE A 5 5.72 8.21 -21.11
CA ILE A 5 4.57 8.05 -20.22
C ILE A 5 4.79 7.00 -19.13
N PHE A 6 5.56 5.97 -19.50
CA PHE A 6 6.04 4.89 -18.63
C PHE A 6 6.72 5.42 -17.36
N THR A 7 7.39 6.57 -17.46
CA THR A 7 8.13 7.21 -16.37
C THR A 7 7.26 8.04 -15.41
N ASP A 8 5.99 8.21 -15.75
CA ASP A 8 5.02 9.06 -15.04
C ASP A 8 3.81 8.28 -14.51
N SER A 9 3.50 7.15 -15.15
CA SER A 9 2.55 6.16 -14.64
C SER A 9 3.23 5.36 -13.50
N TYR A 10 4.56 5.34 -13.47
CA TYR A 10 5.35 4.83 -12.34
C TYR A 10 5.14 5.68 -11.07
N SER A 11 4.93 7.00 -11.24
CA SER A 11 4.54 7.89 -10.13
C SER A 11 3.17 7.50 -9.55
N ARG A 12 2.18 7.19 -10.41
CA ARG A 12 0.86 6.65 -10.01
C ARG A 12 0.99 5.32 -9.28
N TYR A 13 1.83 4.42 -9.78
CA TYR A 13 2.11 3.14 -9.16
C TYR A 13 2.77 3.27 -7.76
N ARG A 14 3.59 4.32 -7.56
CA ARG A 14 4.18 4.67 -6.26
C ARG A 14 3.24 5.34 -5.26
N LYS A 15 2.17 6.00 -5.73
CA LYS A 15 1.11 6.55 -4.85
C LYS A 15 0.08 5.50 -4.47
N GLN A 16 -0.24 4.56 -5.36
CA GLN A 16 -1.22 3.51 -5.06
C GLN A 16 -0.70 2.50 -4.02
N MET A 17 0.61 2.19 -4.03
CA MET A 17 1.20 1.29 -3.03
C MET A 17 1.16 1.87 -1.62
N ALA A 18 1.37 3.19 -1.48
CA ALA A 18 1.23 3.91 -0.20
C ALA A 18 -0.20 3.83 0.38
N VAL A 19 -1.21 3.80 -0.50
CA VAL A 19 -2.61 3.54 -0.13
C VAL A 19 -2.80 2.08 0.31
N LYS A 20 -2.29 1.09 -0.44
CA LYS A 20 -2.46 -0.35 -0.10
C LYS A 20 -1.88 -0.68 1.27
N LYS A 21 -0.76 -0.04 1.57
CA LYS A 21 -0.05 -0.10 2.85
C LYS A 21 -0.87 0.45 4.03
N TYR A 22 -1.72 1.45 3.82
CA TYR A 22 -2.67 1.91 4.84
C TYR A 22 -3.86 0.95 5.03
N LEU A 23 -4.42 0.37 3.96
CA LEU A 23 -5.41 -0.72 4.10
C LEU A 23 -4.84 -1.92 4.88
N ALA A 24 -3.60 -2.30 4.58
CA ALA A 24 -2.86 -3.32 5.33
C ALA A 24 -2.60 -2.93 6.80
N ALA A 25 -2.42 -1.64 7.10
CA ALA A 25 -2.26 -1.15 8.47
C ALA A 25 -3.52 -1.34 9.34
N VAL A 26 -4.72 -1.24 8.76
CA VAL A 26 -5.99 -1.45 9.52
C VAL A 26 -6.19 -2.93 9.85
N LEU A 27 -5.87 -3.80 8.88
CA LEU A 27 -5.81 -5.24 9.06
C LEU A 27 -4.76 -5.64 10.11
N GLY A 28 -3.65 -4.90 10.13
CA GLY A 28 -2.61 -4.96 11.15
C GLY A 28 -3.11 -4.71 12.58
N LYS A 29 -4.11 -3.84 12.80
CA LYS A 29 -4.72 -3.61 14.13
C LYS A 29 -5.45 -4.86 14.65
N ARG A 30 -6.08 -5.61 13.74
CA ARG A 30 -6.77 -6.87 14.05
C ARG A 30 -5.80 -8.06 14.19
N TYR A 31 -4.66 -8.02 13.53
CA TYR A 31 -3.58 -9.00 13.74
C TYR A 31 -3.03 -8.98 15.17
N LYS A 32 -3.05 -7.81 15.86
CA LYS A 32 -2.59 -7.68 17.26
C LYS A 32 -3.43 -8.53 18.19
N GLN A 33 -4.72 -8.38 18.00
CA GLN A 33 -5.80 -9.07 18.72
C GLN A 33 -5.71 -10.59 18.59
N ARG A 34 -5.55 -11.07 17.34
CA ARG A 34 -5.36 -12.50 17.01
C ARG A 34 -4.08 -13.13 17.58
N VAL A 35 -3.15 -12.32 18.09
CA VAL A 35 -1.90 -12.77 18.74
C VAL A 35 -1.97 -12.61 20.26
N LYS A 36 -2.52 -11.51 20.79
CA LYS A 36 -2.80 -11.31 22.23
C LYS A 36 -3.79 -12.34 22.81
N ASN A 37 -4.63 -12.92 21.96
CA ASN A 37 -5.52 -14.04 22.28
C ASN A 37 -4.77 -15.36 22.63
N LYS A 38 -3.46 -15.43 22.35
CA LYS A 38 -2.58 -16.60 22.52
C LYS A 38 -1.26 -16.26 23.25
N HIS A 1 7.15 1.11 -26.47
CA HIS A 1 7.58 2.51 -26.73
C HIS A 1 7.68 3.30 -25.44
N SER A 2 8.53 4.33 -25.41
CA SER A 2 8.70 5.29 -24.30
C SER A 2 9.36 6.60 -24.78
N ASP A 3 9.28 7.66 -23.97
CA ASP A 3 9.85 8.98 -24.27
C ASP A 3 10.30 9.74 -23.01
N GLY A 4 9.49 9.72 -21.95
CA GLY A 4 9.81 10.34 -20.65
C GLY A 4 8.62 10.46 -19.69
N ILE A 5 7.44 10.74 -20.24
CA ILE A 5 6.13 10.77 -19.59
C ILE A 5 5.80 9.51 -18.80
N PHE A 6 6.36 8.38 -19.23
CA PHE A 6 6.27 7.09 -18.53
C PHE A 6 6.80 7.17 -17.09
N THR A 7 7.70 8.12 -16.80
CA THR A 7 8.23 8.38 -15.45
C THR A 7 7.17 8.89 -14.46
N ASP A 8 6.15 9.56 -14.98
CA ASP A 8 5.00 9.98 -14.18
C ASP A 8 4.00 8.85 -13.94
N SER A 9 3.80 8.00 -14.94
CA SER A 9 3.02 6.76 -14.78
C SER A 9 3.68 5.82 -13.76
N TYR A 10 5.01 5.78 -13.74
CA TYR A 10 5.80 5.07 -12.73
C TYR A 10 5.56 5.63 -11.33
N SER A 11 5.56 6.96 -11.19
CA SER A 11 5.23 7.65 -9.93
C SER A 11 3.80 7.37 -9.46
N ARG A 12 2.83 7.32 -10.37
CA ARG A 12 1.41 7.02 -10.08
C ARG A 12 1.19 5.62 -9.51
N TYR A 13 1.96 4.62 -9.93
CA TYR A 13 1.87 3.27 -9.35
C TYR A 13 2.33 3.21 -7.88
N ARG A 14 3.30 4.04 -7.45
CA ARG A 14 3.67 4.13 -6.02
C ARG A 14 2.54 4.68 -5.15
N LYS A 15 1.63 5.51 -5.71
CA LYS A 15 0.50 6.09 -4.97
C LYS A 15 -0.56 5.03 -4.66
N GLN A 16 -0.85 4.14 -5.61
CA GLN A 16 -1.81 3.05 -5.40
C GLN A 16 -1.24 1.97 -4.46
N MET A 17 0.07 1.74 -4.51
CA MET A 17 0.78 0.85 -3.58
C MET A 17 0.76 1.35 -2.15
N ALA A 18 1.00 2.64 -1.95
CA ALA A 18 0.93 3.32 -0.65
C ALA A 18 -0.44 3.16 0.00
N VAL A 19 -1.52 3.27 -0.79
CA VAL A 19 -2.90 3.00 -0.34
C VAL A 19 -3.06 1.57 0.18
N LYS A 20 -2.56 0.54 -0.52
CA LYS A 20 -2.69 -0.87 -0.08
C LYS A 20 -2.06 -1.09 1.30
N LYS A 21 -0.92 -0.42 1.48
CA LYS A 21 -0.12 -0.42 2.72
C LYS A 21 -0.82 0.30 3.87
N TYR A 22 -1.60 1.35 3.58
CA TYR A 22 -2.45 2.02 4.56
C TYR A 22 -3.66 1.15 4.97
N LEU A 23 -4.33 0.46 4.04
CA LEU A 23 -5.33 -0.56 4.37
C LEU A 23 -4.75 -1.68 5.24
N ALA A 24 -3.56 -2.17 4.88
CA ALA A 24 -2.84 -3.18 5.65
C ALA A 24 -2.47 -2.72 7.07
N ALA A 25 -2.20 -1.42 7.27
CA ALA A 25 -1.95 -0.85 8.59
C ALA A 25 -3.15 -0.92 9.55
N VAL A 26 -4.39 -0.77 9.04
CA VAL A 26 -5.61 -0.88 9.88
C VAL A 26 -5.87 -2.33 10.29
N LEU A 27 -5.66 -3.25 9.35
CA LEU A 27 -5.69 -4.69 9.59
C LEU A 27 -4.61 -5.11 10.59
N GLY A 28 -3.46 -4.43 10.57
CA GLY A 28 -2.41 -4.54 11.56
C GLY A 28 -2.85 -4.22 13.00
N LYS A 29 -3.77 -3.27 13.22
CA LYS A 29 -4.35 -3.01 14.55
C LYS A 29 -5.21 -4.17 15.03
N ARG A 30 -5.92 -4.83 14.11
CA ARG A 30 -6.74 -6.04 14.39
C ARG A 30 -5.87 -7.28 14.61
N TYR A 31 -4.72 -7.38 13.94
CA TYR A 31 -3.76 -8.47 14.09
C TYR A 31 -3.15 -8.56 15.50
N LYS A 32 -3.11 -7.44 16.24
CA LYS A 32 -2.69 -7.41 17.67
C LYS A 32 -3.59 -8.29 18.50
N GLN A 33 -4.88 -8.06 18.34
CA GLN A 33 -5.95 -8.80 18.99
C GLN A 33 -5.95 -10.30 18.66
N ARG A 34 -5.78 -10.63 17.37
CA ARG A 34 -5.63 -12.02 16.86
C ARG A 34 -4.39 -12.75 17.37
N VAL A 35 -3.44 -12.04 17.97
CA VAL A 35 -2.23 -12.59 18.65
C VAL A 35 -2.43 -12.63 20.16
N LYS A 36 -3.06 -11.62 20.77
CA LYS A 36 -3.51 -11.64 22.19
C LYS A 36 -4.46 -12.80 22.51
N ASN A 37 -5.19 -13.27 21.50
CA ASN A 37 -6.08 -14.44 21.53
C ASN A 37 -5.38 -15.77 21.86
N LYS A 38 -4.06 -15.86 21.64
CA LYS A 38 -3.22 -17.03 21.97
C LYS A 38 -2.81 -17.10 23.46
N HIS A 1 10.62 5.51 -27.63
CA HIS A 1 10.25 5.05 -26.27
C HIS A 1 10.07 6.25 -25.31
N SER A 2 9.76 5.97 -24.04
CA SER A 2 9.61 6.95 -22.96
C SER A 2 10.31 6.46 -21.67
N ASP A 3 10.74 7.40 -20.82
CA ASP A 3 11.48 7.10 -19.58
C ASP A 3 11.22 8.11 -18.46
N GLY A 4 11.27 9.41 -18.76
CA GLY A 4 10.98 10.48 -17.78
C GLY A 4 9.48 10.64 -17.53
N ILE A 5 8.72 10.66 -18.62
CA ILE A 5 7.26 10.60 -18.61
C ILE A 5 6.75 9.30 -17.97
N PHE A 6 7.48 8.21 -18.21
CA PHE A 6 7.16 6.90 -17.65
C PHE A 6 7.41 6.85 -16.13
N THR A 7 8.34 7.66 -15.64
CA THR A 7 8.67 7.77 -14.20
C THR A 7 7.57 8.45 -13.40
N ASP A 8 6.74 9.27 -14.06
CA ASP A 8 5.53 9.83 -13.47
C ASP A 8 4.36 8.85 -13.43
N SER A 9 4.22 8.04 -14.48
CA SER A 9 3.27 6.92 -14.47
C SER A 9 3.68 5.87 -13.42
N TYR A 10 4.98 5.66 -13.25
CA TYR A 10 5.54 4.80 -12.19
C TYR A 10 5.27 5.37 -10.80
N SER A 11 5.37 6.69 -10.63
CA SER A 11 4.99 7.38 -9.40
C SER A 11 3.49 7.23 -9.10
N ARG A 12 2.61 7.35 -10.09
CA ARG A 12 1.16 7.10 -9.98
C ARG A 12 0.79 5.66 -9.66
N TYR A 13 1.57 4.68 -10.12
CA TYR A 13 1.43 3.29 -9.69
C TYR A 13 1.85 3.10 -8.22
N ARG A 14 2.97 3.70 -7.80
CA ARG A 14 3.41 3.73 -6.39
C ARG A 14 2.43 4.43 -5.44
N LYS A 15 1.62 5.38 -5.93
CA LYS A 15 0.52 6.00 -5.16
C LYS A 15 -0.58 5.00 -4.81
N GLN A 16 -0.95 4.13 -5.75
CA GLN A 16 -1.89 3.02 -5.50
C GLN A 16 -1.31 2.00 -4.52
N MET A 17 -0.01 1.70 -4.60
CA MET A 17 0.68 0.83 -3.66
C MET A 17 0.70 1.39 -2.23
N ALA A 18 0.95 2.70 -2.10
CA ALA A 18 0.88 3.42 -0.82
C ALA A 18 -0.50 3.30 -0.16
N VAL A 19 -1.58 3.36 -0.96
CA VAL A 19 -2.96 3.10 -0.50
C VAL A 19 -3.11 1.67 0.03
N LYS A 20 -2.60 0.63 -0.66
CA LYS A 20 -2.69 -0.78 -0.19
C LYS A 20 -2.03 -0.95 1.18
N LYS A 21 -0.92 -0.24 1.36
CA LYS A 21 -0.12 -0.20 2.59
C LYS A 21 -0.84 0.53 3.73
N TYR A 22 -1.66 1.53 3.44
CA TYR A 22 -2.53 2.17 4.42
C TYR A 22 -3.68 1.23 4.86
N LEU A 23 -4.32 0.51 3.94
CA LEU A 23 -5.27 -0.57 4.29
C LEU A 23 -4.60 -1.66 5.15
N ALA A 24 -3.40 -2.09 4.77
CA ALA A 24 -2.61 -3.06 5.54
C ALA A 24 -2.26 -2.56 6.95
N ALA A 25 -2.05 -1.26 7.14
CA ALA A 25 -1.80 -0.66 8.45
C ALA A 25 -2.98 -0.79 9.43
N VAL A 26 -4.23 -0.75 8.94
CA VAL A 26 -5.43 -0.92 9.80
C VAL A 26 -5.60 -2.38 10.23
N LEU A 27 -5.35 -3.30 9.28
CA LEU A 27 -5.30 -4.74 9.54
C LEU A 27 -4.18 -5.09 10.53
N GLY A 28 -3.05 -4.38 10.45
CA GLY A 28 -1.96 -4.40 11.41
C GLY A 28 -2.38 -4.09 12.86
N LYS A 29 -3.37 -3.20 13.09
CA LYS A 29 -3.87 -2.92 14.45
C LYS A 29 -4.61 -4.13 15.03
N ARG A 30 -5.31 -4.88 14.18
CA ARG A 30 -6.03 -6.12 14.56
C ARG A 30 -5.12 -7.33 14.70
N TYR A 31 -4.01 -7.38 13.96
CA TYR A 31 -2.98 -8.42 14.10
C TYR A 31 -2.36 -8.46 15.51
N LYS A 32 -2.28 -7.31 16.20
CA LYS A 32 -1.84 -7.20 17.60
C LYS A 32 -2.86 -7.84 18.53
N GLN A 33 -4.10 -7.42 18.37
CA GLN A 33 -5.27 -7.89 19.14
C GLN A 33 -5.46 -9.41 19.07
N ARG A 34 -5.44 -9.97 17.85
CA ARG A 34 -5.53 -11.42 17.58
C ARG A 34 -4.37 -12.26 18.16
N VAL A 35 -3.30 -11.60 18.61
CA VAL A 35 -2.16 -12.25 19.30
C VAL A 35 -2.24 -12.05 20.81
N LYS A 36 -2.59 -10.85 21.30
CA LYS A 36 -2.85 -10.58 22.73
C LYS A 36 -4.02 -11.41 23.31
N ASN A 37 -4.96 -11.78 22.46
CA ASN A 37 -6.10 -12.66 22.77
C ASN A 37 -5.73 -14.16 22.84
N LYS A 38 -4.50 -14.55 22.47
CA LYS A 38 -4.07 -15.94 22.26
C LYS A 38 -2.76 -16.31 23.00
N HIS A 1 3.06 16.91 -21.94
CA HIS A 1 4.26 16.10 -22.25
C HIS A 1 3.86 14.67 -22.62
N SER A 2 4.58 14.06 -23.57
CA SER A 2 4.32 12.70 -24.08
C SER A 2 5.58 11.84 -24.29
N ASP A 3 6.76 12.36 -23.91
CA ASP A 3 8.08 11.78 -24.17
C ASP A 3 8.39 10.47 -23.40
N GLY A 4 7.70 10.23 -22.28
CA GLY A 4 7.94 9.15 -21.34
C GLY A 4 6.78 9.09 -20.35
N ILE A 5 5.55 8.98 -20.87
CA ILE A 5 4.34 8.69 -20.10
C ILE A 5 4.55 7.46 -19.21
N PHE A 6 5.23 6.47 -19.77
CA PHE A 6 5.67 5.24 -19.14
C PHE A 6 6.69 5.45 -18.01
N THR A 7 7.38 6.60 -18.02
CA THR A 7 8.41 6.98 -17.02
C THR A 7 7.83 7.76 -15.84
N ASP A 8 6.54 8.12 -15.90
CA ASP A 8 5.86 8.96 -14.89
C ASP A 8 4.53 8.38 -14.39
N SER A 9 3.86 7.57 -15.21
CA SER A 9 2.72 6.76 -14.77
C SER A 9 3.23 5.66 -13.80
N TYR A 10 4.50 5.28 -13.92
CA TYR A 10 5.21 4.43 -12.95
C TYR A 10 5.25 5.09 -11.56
N SER A 11 5.52 6.40 -11.52
CA SER A 11 5.48 7.22 -10.32
C SER A 11 4.07 7.45 -9.77
N ARG A 12 3.01 7.39 -10.60
CA ARG A 12 1.60 7.38 -10.14
C ARG A 12 1.24 6.13 -9.34
N TYR A 13 1.79 4.97 -9.72
CA TYR A 13 1.53 3.72 -9.00
C TYR A 13 2.04 3.73 -7.55
N ARG A 14 3.08 4.53 -7.23
CA ARG A 14 3.58 4.73 -5.86
C ARG A 14 2.49 5.22 -4.89
N LYS A 15 1.55 6.03 -5.38
CA LYS A 15 0.41 6.56 -4.61
C LYS A 15 -0.64 5.48 -4.31
N GLN A 16 -0.84 4.53 -5.23
CA GLN A 16 -1.67 3.35 -5.01
C GLN A 16 -1.04 2.39 -4.00
N MET A 17 0.27 2.19 -4.06
CA MET A 17 1.01 1.35 -3.11
C MET A 17 0.94 1.90 -1.67
N ALA A 18 1.01 3.22 -1.53
CA ALA A 18 0.79 3.92 -0.27
C ALA A 18 -0.62 3.68 0.32
N VAL A 19 -1.63 3.49 -0.54
CA VAL A 19 -2.98 3.08 -0.14
C VAL A 19 -3.05 1.60 0.24
N LYS A 20 -2.44 0.68 -0.53
CA LYS A 20 -2.31 -0.75 -0.15
C LYS A 20 -1.70 -0.90 1.25
N LYS A 21 -0.68 -0.09 1.54
CA LYS A 21 0.00 -0.02 2.85
C LYS A 21 -0.91 0.51 3.98
N TYR A 22 -1.86 1.40 3.68
CA TYR A 22 -2.89 1.82 4.62
C TYR A 22 -3.93 0.72 4.88
N LEU A 23 -4.43 0.01 3.85
CA LEU A 23 -5.28 -1.18 4.07
C LEU A 23 -4.60 -2.23 4.95
N ALA A 24 -3.31 -2.47 4.73
CA ALA A 24 -2.50 -3.35 5.58
C ALA A 24 -2.32 -2.81 7.02
N ALA A 25 -2.24 -1.49 7.20
CA ALA A 25 -2.18 -0.85 8.52
C ALA A 25 -3.46 -1.04 9.35
N VAL A 26 -4.66 -1.09 8.73
CA VAL A 26 -5.92 -1.33 9.46
C VAL A 26 -6.01 -2.78 9.93
N LEU A 27 -5.57 -3.71 9.07
CA LEU A 27 -5.37 -5.13 9.43
C LEU A 27 -4.33 -5.29 10.56
N GLY A 28 -3.32 -4.42 10.58
CA GLY A 28 -2.34 -4.30 11.67
C GLY A 28 -2.94 -3.91 13.02
N LYS A 29 -4.01 -3.10 13.05
CA LYS A 29 -4.75 -2.81 14.31
C LYS A 29 -5.43 -4.07 14.85
N ARG A 30 -5.97 -4.91 13.96
CA ARG A 30 -6.64 -6.18 14.30
C ARG A 30 -5.66 -7.27 14.71
N TYR A 31 -4.45 -7.27 14.16
CA TYR A 31 -3.36 -8.18 14.58
C TYR A 31 -3.01 -8.05 16.07
N LYS A 32 -3.15 -6.84 16.65
CA LYS A 32 -2.97 -6.59 18.09
C LYS A 32 -4.08 -7.22 18.90
N GLN A 33 -5.31 -6.94 18.48
CA GLN A 33 -6.55 -7.49 19.08
C GLN A 33 -6.56 -9.02 19.14
N ARG A 34 -6.17 -9.68 18.04
CA ARG A 34 -6.02 -11.15 17.92
C ARG A 34 -5.01 -11.77 18.89
N VAL A 35 -4.18 -10.96 19.55
CA VAL A 35 -3.21 -11.37 20.58
C VAL A 35 -3.70 -10.96 21.98
N LYS A 36 -4.27 -9.76 22.14
CA LYS A 36 -4.94 -9.32 23.39
C LYS A 36 -6.13 -10.20 23.80
N ASN A 37 -6.77 -10.84 22.81
CA ASN A 37 -7.81 -11.87 22.97
C ASN A 37 -7.31 -13.17 23.64
N LYS A 38 -5.99 -13.36 23.76
CA LYS A 38 -5.31 -14.59 24.21
C LYS A 38 -4.30 -14.37 25.35
N HIS A 1 14.65 1.93 -21.69
CA HIS A 1 13.97 2.15 -20.39
C HIS A 1 14.38 3.47 -19.74
N SER A 2 13.67 3.89 -18.69
CA SER A 2 13.94 5.09 -17.87
C SER A 2 14.04 6.43 -18.65
N ASP A 3 13.38 6.55 -19.79
CA ASP A 3 13.35 7.78 -20.61
C ASP A 3 12.68 8.96 -19.87
N GLY A 4 11.57 8.69 -19.18
CA GLY A 4 10.90 9.60 -18.24
C GLY A 4 9.47 9.20 -17.95
N ILE A 5 8.70 8.92 -19.00
CA ILE A 5 7.37 8.33 -18.96
C ILE A 5 7.36 6.99 -18.21
N PHE A 6 8.45 6.25 -18.38
CA PHE A 6 8.72 4.94 -17.77
C PHE A 6 8.72 4.98 -16.23
N THR A 7 9.02 6.15 -15.65
CA THR A 7 9.04 6.39 -14.19
C THR A 7 7.97 7.35 -13.71
N ASP A 8 7.27 8.02 -14.62
CA ASP A 8 6.06 8.80 -14.31
C ASP A 8 4.84 7.90 -14.22
N SER A 9 4.74 6.92 -15.10
CA SER A 9 3.75 5.84 -15.01
C SER A 9 3.93 5.00 -13.74
N TYR A 10 5.17 4.87 -13.26
CA TYR A 10 5.47 4.29 -11.94
C TYR A 10 5.06 5.22 -10.80
N SER A 11 5.36 6.52 -10.90
CA SER A 11 4.97 7.53 -9.90
C SER A 11 3.44 7.66 -9.74
N ARG A 12 2.68 7.49 -10.82
CA ARG A 12 1.21 7.37 -10.85
C ARG A 12 0.69 6.14 -10.09
N TYR A 13 1.48 5.07 -10.01
CA TYR A 13 1.18 3.88 -9.21
C TYR A 13 1.67 3.96 -7.76
N ARG A 14 2.74 4.70 -7.45
CA ARG A 14 3.23 4.92 -6.06
C ARG A 14 2.15 5.42 -5.10
N LYS A 15 1.22 6.25 -5.58
CA LYS A 15 0.09 6.77 -4.79
C LYS A 15 -0.92 5.67 -4.43
N GLN A 16 -1.14 4.75 -5.37
CA GLN A 16 -2.00 3.57 -5.23
C GLN A 16 -1.35 2.55 -4.27
N MET A 17 -0.03 2.39 -4.31
CA MET A 17 0.73 1.52 -3.40
C MET A 17 0.64 1.99 -1.96
N ALA A 18 0.82 3.29 -1.74
CA ALA A 18 0.73 3.94 -0.44
C ALA A 18 -0.63 3.72 0.24
N VAL A 19 -1.70 3.68 -0.56
CA VAL A 19 -3.06 3.29 -0.13
C VAL A 19 -3.12 1.82 0.29
N LYS A 20 -2.61 0.87 -0.50
CA LYS A 20 -2.65 -0.58 -0.18
C LYS A 20 -1.97 -0.86 1.15
N LYS A 21 -0.85 -0.18 1.34
CA LYS A 21 0.00 -0.21 2.56
C LYS A 21 -0.73 0.32 3.80
N TYR A 22 -1.62 1.31 3.65
CA TYR A 22 -2.48 1.78 4.74
C TYR A 22 -3.63 0.81 5.05
N LEU A 23 -4.30 0.23 4.04
CA LEU A 23 -5.26 -0.87 4.29
C LEU A 23 -4.61 -2.04 5.04
N ALA A 24 -3.39 -2.43 4.68
CA ALA A 24 -2.62 -3.42 5.41
C ALA A 24 -2.23 -3.00 6.84
N ALA A 25 -2.00 -1.70 7.07
CA ALA A 25 -1.74 -1.16 8.39
C ALA A 25 -2.94 -1.30 9.36
N VAL A 26 -4.19 -1.18 8.87
CA VAL A 26 -5.39 -1.36 9.72
C VAL A 26 -5.58 -2.81 10.13
N LEU A 27 -5.34 -3.72 9.18
CA LEU A 27 -5.32 -5.17 9.42
C LEU A 27 -4.24 -5.55 10.44
N GLY A 28 -3.08 -4.88 10.39
CA GLY A 28 -2.02 -4.94 11.39
C GLY A 28 -2.46 -4.63 12.82
N LYS A 29 -3.43 -3.71 13.04
CA LYS A 29 -3.98 -3.40 14.37
C LYS A 29 -4.80 -4.56 14.95
N ARG A 30 -5.43 -5.36 14.09
CA ARG A 30 -6.21 -6.56 14.46
C ARG A 30 -5.37 -7.83 14.59
N TYR A 31 -4.35 -7.97 13.75
CA TYR A 31 -3.46 -9.13 13.69
C TYR A 31 -2.75 -9.43 15.02
N LYS A 32 -2.48 -8.38 15.82
CA LYS A 32 -1.83 -8.52 17.14
C LYS A 32 -2.67 -9.35 18.13
N GLN A 33 -3.96 -9.07 18.11
CA GLN A 33 -4.98 -9.76 18.90
C GLN A 33 -5.30 -11.15 18.37
N ARG A 34 -5.42 -11.31 17.04
CA ARG A 34 -5.59 -12.60 16.36
C ARG A 34 -4.45 -13.59 16.63
N VAL A 35 -3.29 -13.09 17.02
CA VAL A 35 -2.12 -13.88 17.45
C VAL A 35 -2.17 -14.17 18.96
N LYS A 36 -2.42 -13.16 19.80
CA LYS A 36 -2.57 -13.34 21.27
C LYS A 36 -3.71 -14.27 21.69
N ASN A 37 -4.73 -14.37 20.83
CA ASN A 37 -5.86 -15.32 20.96
C ASN A 37 -5.45 -16.81 20.80
N LYS A 38 -4.25 -17.07 20.27
CA LYS A 38 -3.75 -18.41 19.87
C LYS A 38 -2.37 -18.74 20.48
N HIS A 1 5.82 15.43 -26.33
CA HIS A 1 4.65 14.69 -25.81
C HIS A 1 5.07 13.51 -24.91
N SER A 2 5.83 12.55 -25.42
CA SER A 2 6.28 11.32 -24.72
C SER A 2 7.38 11.51 -23.67
N ASP A 3 7.72 12.76 -23.32
CA ASP A 3 8.85 13.18 -22.49
C ASP A 3 8.94 12.50 -21.11
N GLY A 4 7.81 12.12 -20.52
CA GLY A 4 7.74 11.32 -19.30
C GLY A 4 6.33 10.94 -18.87
N ILE A 5 5.46 10.65 -19.84
CA ILE A 5 4.14 10.06 -19.63
C ILE A 5 4.25 8.71 -18.91
N PHE A 6 5.28 7.96 -19.29
CA PHE A 6 5.68 6.71 -18.65
C PHE A 6 6.24 6.96 -17.25
N THR A 7 6.92 8.10 -17.07
CA THR A 7 7.54 8.48 -15.78
C THR A 7 6.52 8.87 -14.73
N ASP A 8 5.42 9.46 -15.17
CA ASP A 8 4.26 9.73 -14.32
C ASP A 8 3.47 8.47 -14.02
N SER A 9 3.26 7.62 -15.02
CA SER A 9 2.60 6.32 -14.84
C SER A 9 3.38 5.39 -13.91
N TYR A 10 4.71 5.52 -13.88
CA TYR A 10 5.59 4.87 -12.91
C TYR A 10 5.37 5.41 -11.50
N SER A 11 5.16 6.72 -11.37
CA SER A 11 4.81 7.38 -10.09
C SER A 11 3.41 6.98 -9.60
N ARG A 12 2.43 6.79 -10.49
CA ARG A 12 1.07 6.31 -10.17
C ARG A 12 1.06 4.98 -9.41
N TYR A 13 1.95 4.06 -9.75
CA TYR A 13 2.11 2.83 -8.99
C TYR A 13 2.61 3.07 -7.56
N ARG A 14 3.56 3.98 -7.35
CA ARG A 14 4.07 4.30 -6.00
C ARG A 14 3.03 5.01 -5.14
N LYS A 15 2.12 5.77 -5.76
CA LYS A 15 1.01 6.45 -5.07
C LYS A 15 -0.07 5.47 -4.61
N GLN A 16 -0.38 4.45 -5.41
CA GLN A 16 -1.36 3.43 -5.03
C GLN A 16 -0.79 2.45 -4.00
N MET A 17 0.52 2.16 -4.06
CA MET A 17 1.23 1.35 -3.06
C MET A 17 1.19 1.97 -1.67
N ALA A 18 1.45 3.27 -1.58
CA ALA A 18 1.36 4.06 -0.35
C ALA A 18 -0.05 4.00 0.29
N VAL A 19 -1.10 3.87 -0.53
CA VAL A 19 -2.47 3.61 -0.08
C VAL A 19 -2.67 2.17 0.38
N LYS A 20 -2.19 1.16 -0.37
CA LYS A 20 -2.36 -0.28 0.00
C LYS A 20 -1.76 -0.58 1.37
N LYS A 21 -0.64 0.07 1.64
CA LYS A 21 0.09 0.00 2.93
C LYS A 21 -0.73 0.52 4.11
N TYR A 22 -1.62 1.50 3.91
CA TYR A 22 -2.56 1.95 4.94
C TYR A 22 -3.75 1.01 5.11
N LEU A 23 -4.34 0.46 4.03
CA LEU A 23 -5.33 -0.62 4.16
C LEU A 23 -4.78 -1.81 4.95
N ALA A 24 -3.56 -2.23 4.63
CA ALA A 24 -2.83 -3.26 5.38
C ALA A 24 -2.61 -2.91 6.86
N ALA A 25 -2.41 -1.62 7.18
CA ALA A 25 -2.29 -1.15 8.56
C ALA A 25 -3.58 -1.31 9.38
N VAL A 26 -4.77 -1.17 8.77
CA VAL A 26 -6.05 -1.40 9.48
C VAL A 26 -6.31 -2.88 9.68
N LEU A 27 -6.01 -3.71 8.67
CA LEU A 27 -6.07 -5.17 8.76
C LEU A 27 -5.13 -5.71 9.84
N GLY A 28 -3.97 -5.07 10.00
CA GLY A 28 -3.04 -5.29 11.10
C GLY A 28 -3.64 -5.13 12.50
N LYS A 29 -4.60 -4.20 12.70
CA LYS A 29 -5.30 -4.05 14.00
C LYS A 29 -6.19 -5.27 14.30
N ARG A 30 -6.80 -5.84 13.26
CA ARG A 30 -7.64 -7.05 13.36
C ARG A 30 -6.81 -8.34 13.47
N TYR A 31 -5.61 -8.36 12.89
CA TYR A 31 -4.69 -9.49 12.99
C TYR A 31 -4.25 -9.79 14.44
N LYS A 32 -4.24 -8.78 15.32
CA LYS A 32 -3.88 -8.93 16.74
C LYS A 32 -4.82 -9.89 17.44
N GLN A 33 -6.09 -9.65 17.18
CA GLN A 33 -7.23 -10.41 17.67
C GLN A 33 -7.21 -11.87 17.17
N ARG A 34 -6.97 -12.06 15.86
CA ARG A 34 -6.80 -13.38 15.22
C ARG A 34 -5.63 -14.22 15.75
N VAL A 35 -4.72 -13.60 16.50
CA VAL A 35 -3.57 -14.27 17.15
C VAL A 35 -3.82 -14.46 18.65
N LYS A 36 -4.42 -13.47 19.35
CA LYS A 36 -4.90 -13.59 20.73
C LYS A 36 -5.93 -14.71 20.94
N ASN A 37 -6.70 -14.99 19.88
CA ASN A 37 -7.65 -16.11 19.78
C ASN A 37 -7.00 -17.52 19.82
N LYS A 38 -5.67 -17.59 19.61
CA LYS A 38 -4.88 -18.82 19.44
C LYS A 38 -3.74 -18.97 20.46
N HIS A 1 4.67 15.31 -28.54
CA HIS A 1 5.84 15.59 -27.68
C HIS A 1 5.88 14.62 -26.49
N SER A 2 7.08 14.17 -26.11
CA SER A 2 7.33 13.20 -25.03
C SER A 2 8.63 13.53 -24.26
N ASP A 3 8.69 13.15 -22.99
CA ASP A 3 9.86 13.32 -22.12
C ASP A 3 9.93 12.27 -20.99
N GLY A 4 8.80 12.01 -20.32
CA GLY A 4 8.65 10.99 -19.29
C GLY A 4 7.23 10.91 -18.75
N ILE A 5 6.23 10.99 -19.64
CA ILE A 5 4.83 10.71 -19.35
C ILE A 5 4.66 9.30 -18.77
N PHE A 6 5.47 8.39 -19.29
CA PHE A 6 5.63 7.01 -18.84
C PHE A 6 6.24 6.94 -17.44
N THR A 7 7.07 7.92 -17.07
CA THR A 7 7.76 8.00 -15.77
C THR A 7 6.90 8.62 -14.68
N ASP A 8 6.01 9.51 -15.08
CA ASP A 8 4.96 10.06 -14.25
C ASP A 8 3.84 9.05 -13.98
N SER A 9 3.50 8.27 -15.00
CA SER A 9 2.60 7.11 -14.87
C SER A 9 3.22 5.99 -14.04
N TYR A 10 4.55 5.85 -14.06
CA TYR A 10 5.29 4.96 -13.16
C TYR A 10 5.24 5.47 -11.71
N SER A 11 5.30 6.79 -11.53
CA SER A 11 5.15 7.45 -10.24
C SER A 11 3.72 7.35 -9.67
N ARG A 12 2.68 7.25 -10.52
CA ARG A 12 1.29 6.95 -10.12
C ARG A 12 1.13 5.57 -9.49
N TYR A 13 1.87 4.56 -9.93
CA TYR A 13 1.83 3.23 -9.35
C TYR A 13 2.32 3.20 -7.89
N ARG A 14 3.35 4.00 -7.56
CA ARG A 14 3.88 4.15 -6.20
C ARG A 14 2.85 4.71 -5.20
N LYS A 15 1.87 5.48 -5.67
CA LYS A 15 0.77 6.01 -4.84
C LYS A 15 -0.25 4.92 -4.49
N GLN A 16 -0.49 3.99 -5.43
CA GLN A 16 -1.36 2.84 -5.19
C GLN A 16 -0.75 1.91 -4.11
N MET A 17 0.56 1.70 -4.13
CA MET A 17 1.29 0.90 -3.13
C MET A 17 1.18 1.50 -1.73
N ALA A 18 1.35 2.82 -1.62
CA ALA A 18 1.19 3.58 -0.38
C ALA A 18 -0.23 3.44 0.23
N VAL A 19 -1.25 3.33 -0.63
CA VAL A 19 -2.63 3.04 -0.24
C VAL A 19 -2.77 1.59 0.26
N LYS A 20 -2.20 0.58 -0.42
CA LYS A 20 -2.30 -0.84 0.02
C LYS A 20 -1.73 -1.02 1.42
N LYS A 21 -0.63 -0.32 1.67
CA LYS A 21 0.08 -0.25 2.95
C LYS A 21 -0.75 0.39 4.07
N TYR A 22 -1.62 1.35 3.74
CA TYR A 22 -2.61 1.88 4.70
C TYR A 22 -3.76 0.91 4.97
N LEU A 23 -4.33 0.23 3.95
CA LEU A 23 -5.30 -0.85 4.19
C LEU A 23 -4.73 -1.94 5.12
N ALA A 24 -3.47 -2.33 4.91
CA ALA A 24 -2.75 -3.24 5.79
C ALA A 24 -2.56 -2.71 7.23
N ALA A 25 -2.38 -1.39 7.39
CA ALA A 25 -2.32 -0.73 8.70
C ALA A 25 -3.64 -0.80 9.48
N VAL A 26 -4.81 -0.75 8.81
CA VAL A 26 -6.13 -0.87 9.48
C VAL A 26 -6.40 -2.32 9.89
N LEU A 27 -6.00 -3.27 9.03
CA LEU A 27 -6.00 -4.71 9.34
C LEU A 27 -5.10 -5.02 10.55
N GLY A 28 -3.99 -4.29 10.71
CA GLY A 28 -3.14 -4.31 11.90
C GLY A 28 -3.83 -3.96 13.22
N LYS A 29 -4.91 -3.16 13.20
CA LYS A 29 -5.75 -2.92 14.40
C LYS A 29 -6.57 -4.16 14.80
N ARG A 30 -6.97 -4.97 13.82
CA ARG A 30 -7.74 -6.22 14.04
C ARG A 30 -6.87 -7.34 14.61
N TYR A 31 -5.57 -7.36 14.28
CA TYR A 31 -4.62 -8.25 14.94
C TYR A 31 -4.49 -8.00 16.44
N LYS A 32 -4.69 -6.75 16.90
CA LYS A 32 -4.70 -6.39 18.33
C LYS A 32 -5.91 -6.93 19.07
N GLN A 33 -7.03 -6.80 18.38
CA GLN A 33 -8.35 -7.23 18.85
C GLN A 33 -8.42 -8.74 19.16
N ARG A 34 -7.83 -9.55 18.28
CA ARG A 34 -7.64 -11.01 18.48
C ARG A 34 -6.78 -11.39 19.69
N VAL A 35 -6.07 -10.42 20.28
CA VAL A 35 -5.30 -10.57 21.54
C VAL A 35 -6.07 -9.99 22.73
N LYS A 36 -6.78 -8.86 22.56
CA LYS A 36 -7.73 -8.31 23.55
C LYS A 36 -8.84 -9.30 23.93
N ASN A 37 -9.20 -10.17 22.99
CA ASN A 37 -10.11 -11.31 23.16
C ASN A 37 -9.64 -12.39 24.17
N LYS A 38 -8.35 -12.34 24.57
CA LYS A 38 -7.67 -13.32 25.43
C LYS A 38 -6.92 -12.68 26.61
N HIS A 1 5.36 8.07 -24.87
CA HIS A 1 5.35 7.27 -23.62
C HIS A 1 6.67 7.41 -22.85
N SER A 2 7.75 6.74 -23.26
CA SER A 2 9.04 6.65 -22.54
C SER A 2 9.80 7.99 -22.35
N ASP A 3 9.35 9.04 -23.02
CA ASP A 3 9.83 10.42 -22.85
C ASP A 3 9.56 10.99 -21.44
N GLY A 4 8.47 10.55 -20.79
CA GLY A 4 8.10 11.01 -19.45
C GLY A 4 6.77 10.51 -18.90
N ILE A 5 5.77 10.34 -19.76
CA ILE A 5 4.46 9.74 -19.44
C ILE A 5 4.59 8.37 -18.76
N PHE A 6 5.60 7.61 -19.15
CA PHE A 6 5.92 6.30 -18.57
C PHE A 6 6.42 6.43 -17.12
N THR A 7 7.10 7.54 -16.82
CA THR A 7 7.63 7.88 -15.48
C THR A 7 6.58 8.48 -14.57
N ASP A 8 5.59 9.13 -15.16
CA ASP A 8 4.39 9.57 -14.45
C ASP A 8 3.46 8.41 -14.13
N SER A 9 3.30 7.47 -15.07
CA SER A 9 2.57 6.23 -14.84
C SER A 9 3.22 5.36 -13.78
N TYR A 10 4.56 5.39 -13.69
CA TYR A 10 5.32 4.78 -12.60
C TYR A 10 5.07 5.49 -11.26
N SER A 11 5.05 6.83 -11.28
CA SER A 11 4.74 7.65 -10.11
C SER A 11 3.32 7.43 -9.59
N ARG A 12 2.33 7.21 -10.48
CA ARG A 12 0.95 6.82 -10.15
C ARG A 12 0.86 5.49 -9.41
N TYR A 13 1.60 4.47 -9.86
CA TYR A 13 1.69 3.19 -9.14
C TYR A 13 2.42 3.33 -7.79
N ARG A 14 3.42 4.20 -7.69
CA ARG A 14 4.08 4.54 -6.41
C ARG A 14 3.14 5.21 -5.39
N LYS A 15 2.16 5.99 -5.85
CA LYS A 15 1.07 6.52 -5.00
C LYS A 15 0.06 5.46 -4.58
N GLN A 16 -0.26 4.51 -5.47
CA GLN A 16 -1.17 3.40 -5.16
C GLN A 16 -0.60 2.47 -4.09
N MET A 17 0.68 2.09 -4.18
CA MET A 17 1.28 1.13 -3.25
C MET A 17 1.42 1.68 -1.82
N ALA A 18 1.63 3.00 -1.70
CA ALA A 18 1.58 3.71 -0.42
C ALA A 18 0.20 3.64 0.25
N VAL A 19 -0.87 3.44 -0.52
CA VAL A 19 -2.25 3.24 -0.05
C VAL A 19 -2.49 1.79 0.37
N LYS A 20 -2.00 0.76 -0.36
CA LYS A 20 -2.05 -0.65 0.09
C LYS A 20 -1.45 -0.83 1.49
N LYS A 21 -0.34 -0.12 1.74
CA LYS A 21 0.34 -0.08 3.04
C LYS A 21 -0.50 0.51 4.18
N TYR A 22 -1.48 1.37 3.87
CA TYR A 22 -2.48 1.83 4.84
C TYR A 22 -3.66 0.85 5.01
N LEU A 23 -4.18 0.21 3.94
CA LEU A 23 -5.15 -0.89 4.12
C LEU A 23 -4.62 -1.99 5.03
N ALA A 24 -3.34 -2.35 4.90
CA ALA A 24 -2.65 -3.27 5.80
C ALA A 24 -2.63 -2.81 7.27
N ALA A 25 -2.55 -1.50 7.52
CA ALA A 25 -2.63 -0.92 8.86
C ALA A 25 -4.02 -1.07 9.51
N VAL A 26 -5.11 -1.02 8.72
CA VAL A 26 -6.49 -1.20 9.24
C VAL A 26 -6.81 -2.67 9.47
N LEU A 27 -6.28 -3.54 8.61
CA LEU A 27 -6.28 -5.00 8.79
C LEU A 27 -5.53 -5.39 10.07
N GLY A 28 -4.45 -4.69 10.39
CA GLY A 28 -3.72 -4.81 11.65
C GLY A 28 -4.56 -4.58 12.91
N LYS A 29 -5.54 -3.67 12.88
CA LYS A 29 -6.48 -3.48 13.99
C LYS A 29 -7.40 -4.70 14.12
N ARG A 30 -7.86 -5.25 13.00
CA ARG A 30 -8.68 -6.46 12.93
C ARG A 30 -7.98 -7.73 13.40
N TYR A 31 -6.67 -7.88 13.14
CA TYR A 31 -5.87 -8.98 13.66
C TYR A 31 -5.80 -9.01 15.19
N LYS A 32 -5.97 -7.85 15.85
CA LYS A 32 -6.15 -7.74 17.31
C LYS A 32 -7.56 -8.09 17.75
N GLN A 33 -8.53 -7.39 17.15
CA GLN A 33 -9.96 -7.51 17.47
C GLN A 33 -10.49 -8.95 17.39
N ARG A 34 -10.18 -9.66 16.31
CA ARG A 34 -10.57 -11.07 16.06
C ARG A 34 -9.97 -12.07 17.06
N VAL A 35 -9.01 -11.65 17.87
CA VAL A 35 -8.39 -12.46 18.94
C VAL A 35 -8.90 -12.01 20.32
N LYS A 36 -9.04 -10.70 20.57
CA LYS A 36 -9.67 -10.17 21.80
C LYS A 36 -11.13 -10.61 21.98
N ASN A 37 -11.83 -10.85 20.88
CA ASN A 37 -13.21 -11.36 20.85
C ASN A 37 -13.37 -12.82 21.33
N LYS A 38 -12.27 -13.58 21.41
CA LYS A 38 -12.23 -14.97 21.91
C LYS A 38 -12.31 -15.07 23.44
N HIS A 1 7.78 1.45 -23.17
CA HIS A 1 8.58 0.88 -22.06
C HIS A 1 9.96 1.54 -22.01
N SER A 2 10.35 2.07 -20.85
CA SER A 2 11.60 2.83 -20.60
C SER A 2 11.84 4.06 -21.50
N ASP A 3 10.83 4.49 -22.26
CA ASP A 3 10.88 5.60 -23.22
C ASP A 3 10.81 6.98 -22.56
N GLY A 4 9.97 7.11 -21.52
CA GLY A 4 9.83 8.31 -20.69
C GLY A 4 8.50 8.41 -19.96
N ILE A 5 7.40 8.18 -20.69
CA ILE A 5 6.05 8.05 -20.15
C ILE A 5 5.97 6.96 -19.07
N PHE A 6 6.74 5.90 -19.29
CA PHE A 6 6.91 4.76 -18.39
C PHE A 6 7.33 5.18 -16.96
N THR A 7 8.09 6.28 -16.86
CA THR A 7 8.58 6.83 -15.59
C THR A 7 7.52 7.64 -14.83
N ASP A 8 6.54 8.17 -15.56
CA ASP A 8 5.36 8.79 -14.96
C ASP A 8 4.31 7.75 -14.56
N SER A 9 4.10 6.74 -15.38
CA SER A 9 3.21 5.62 -15.06
C SER A 9 3.64 4.86 -13.80
N TYR A 10 4.94 4.86 -13.50
CA TYR A 10 5.51 4.35 -12.24
C TYR A 10 5.10 5.23 -11.05
N SER A 11 5.21 6.56 -11.19
CA SER A 11 4.75 7.53 -10.18
C SER A 11 3.24 7.44 -9.91
N ARG A 12 2.42 7.26 -10.95
CA ARG A 12 0.96 7.05 -10.85
C ARG A 12 0.58 5.75 -10.13
N TYR A 13 1.45 4.75 -10.11
CA TYR A 13 1.27 3.54 -9.30
C TYR A 13 1.80 3.71 -7.86
N ARG A 14 2.95 4.38 -7.67
CA ARG A 14 3.56 4.64 -6.35
C ARG A 14 2.65 5.38 -5.36
N LYS A 15 1.76 6.26 -5.83
CA LYS A 15 0.75 6.93 -4.99
C LYS A 15 -0.34 5.99 -4.47
N GLN A 16 -0.64 4.92 -5.22
CA GLN A 16 -1.54 3.85 -4.80
C GLN A 16 -0.84 2.86 -3.84
N MET A 17 0.45 2.60 -4.02
CA MET A 17 1.26 1.77 -3.10
C MET A 17 1.29 2.35 -1.69
N ALA A 18 1.44 3.68 -1.60
CA ALA A 18 1.36 4.44 -0.36
C ALA A 18 0.00 4.28 0.37
N VAL A 19 -1.09 4.06 -0.37
CA VAL A 19 -2.43 3.80 0.16
C VAL A 19 -2.62 2.34 0.59
N LYS A 20 -2.07 1.35 -0.14
CA LYS A 20 -2.21 -0.10 0.19
C LYS A 20 -1.66 -0.41 1.58
N LYS A 21 -0.62 0.31 1.95
CA LYS A 21 0.06 0.25 3.25
C LYS A 21 -0.86 0.65 4.43
N TYR A 22 -1.80 1.56 4.21
CA TYR A 22 -2.83 1.90 5.21
C TYR A 22 -3.93 0.84 5.30
N LEU A 23 -4.40 0.25 4.19
CA LEU A 23 -5.30 -0.91 4.23
C LEU A 23 -4.67 -2.10 4.97
N ALA A 24 -3.39 -2.36 4.73
CA ALA A 24 -2.61 -3.38 5.42
C ALA A 24 -2.47 -3.10 6.93
N ALA A 25 -2.41 -1.83 7.33
CA ALA A 25 -2.40 -1.43 8.75
C ALA A 25 -3.70 -1.78 9.49
N VAL A 26 -4.87 -1.71 8.84
CA VAL A 26 -6.17 -2.07 9.46
C VAL A 26 -6.27 -3.59 9.62
N LEU A 27 -5.80 -4.33 8.62
CA LEU A 27 -5.62 -5.79 8.69
C LEU A 27 -4.64 -6.17 9.83
N GLY A 28 -3.62 -5.34 10.06
CA GLY A 28 -2.71 -5.44 11.20
C GLY A 28 -3.38 -5.31 12.57
N LYS A 29 -4.42 -4.46 12.71
CA LYS A 29 -5.22 -4.37 13.95
C LYS A 29 -5.98 -5.67 14.20
N ARG A 30 -6.51 -6.28 13.14
CA ARG A 30 -7.28 -7.55 13.23
C ARG A 30 -6.38 -8.77 13.48
N TYR A 31 -5.15 -8.76 12.95
CA TYR A 31 -4.14 -9.80 13.20
C TYR A 31 -3.80 -9.95 14.69
N LYS A 32 -3.87 -8.85 15.45
CA LYS A 32 -3.69 -8.83 16.92
C LYS A 32 -4.86 -9.50 17.62
N GLN A 33 -6.05 -8.99 17.30
CA GLN A 33 -7.34 -9.48 17.84
C GLN A 33 -7.54 -10.99 17.67
N ARG A 34 -7.29 -11.51 16.46
CA ARG A 34 -7.33 -12.95 16.13
C ARG A 34 -6.38 -13.85 16.94
N VAL A 35 -5.43 -13.26 17.66
CA VAL A 35 -4.49 -13.96 18.56
C VAL A 35 -4.84 -13.68 20.04
N LYS A 36 -5.19 -12.43 20.39
CA LYS A 36 -5.68 -12.04 21.72
C LYS A 36 -6.96 -12.75 22.15
N ASN A 37 -7.77 -13.17 21.19
CA ASN A 37 -8.96 -14.02 21.37
C ASN A 37 -8.64 -15.45 21.87
N LYS A 38 -7.37 -15.86 21.84
CA LYS A 38 -6.87 -17.22 22.16
C LYS A 38 -5.72 -17.21 23.18
#